data_6IZH
#
_entry.id   6IZH
#
_cell.length_a   170.871
_cell.length_b   54.781
_cell.length_c   134.594
_cell.angle_alpha   90.00
_cell.angle_beta   101.89
_cell.angle_gamma   90.00
#
_symmetry.space_group_name_H-M   'C 1 2 1'
#
loop_
_entity.id
_entity.type
_entity.pdbx_description
1 polymer '2-aminomuconate deaminase'
2 non-polymer 'MAGNESIUM ION'
3 water water
#
_entity_poly.entity_id   1
_entity_poly.type   'polypeptide(L)'
_entity_poly.pdbx_seq_one_letter_code
;MVSKADNSAKLVEGKAKPMGSFPHVKRAGDFLFVSGTSSRRPDNTFVGAEPDDTGRPRPNIELQTREVISNIRDILQSVG
ADLGDVVEVCSYLVNMNDFAAYNKVYAEFFDATGPARTTVAVHQLPHPQLVIEIKVVAYKPL
;
_entity_poly.pdbx_strand_id   A,B,C,D,E,F,G,H,I
#
loop_
_chem_comp.id
_chem_comp.type
_chem_comp.name
_chem_comp.formula
MG non-polymer 'MAGNESIUM ION' 'Mg 2'
#
# COMPACT_ATOMS: atom_id res chain seq x y z
N ALA A 5 43.89 -23.13 11.01
CA ALA A 5 45.19 -23.35 11.64
C ALA A 5 45.05 -23.64 13.13
N ASP A 6 46.17 -23.94 13.78
CA ASP A 6 46.20 -24.38 15.18
C ASP A 6 45.37 -23.50 16.13
N ASN A 7 45.64 -22.20 16.15
CA ASN A 7 44.89 -21.29 16.99
C ASN A 7 44.06 -20.31 16.17
N SER A 8 43.50 -20.81 15.07
CA SER A 8 42.72 -19.95 14.18
C SER A 8 41.35 -19.62 14.75
N ALA A 9 40.77 -20.55 15.53
CA ALA A 9 39.44 -20.35 16.11
C ALA A 9 39.54 -19.93 17.57
N LYS A 10 38.68 -19.01 18.00
CA LYS A 10 38.71 -18.59 19.40
C LYS A 10 37.33 -18.55 20.04
N LEU A 11 37.24 -19.20 21.20
CA LEU A 11 36.13 -18.99 22.12
C LEU A 11 36.57 -17.90 23.10
N VAL A 12 35.80 -16.82 23.15
CA VAL A 12 36.19 -15.64 23.92
C VAL A 12 35.66 -15.72 25.35
N GLU A 13 36.57 -15.68 26.31
CA GLU A 13 36.19 -15.76 27.73
C GLU A 13 35.26 -14.59 28.07
N GLY A 14 34.21 -14.87 28.83
CA GLY A 14 33.31 -13.83 29.28
C GLY A 14 32.14 -13.52 28.37
N LYS A 15 32.18 -14.05 27.13
CA LYS A 15 31.06 -13.88 26.22
C LYS A 15 30.10 -15.06 26.34
N ALA A 16 28.88 -14.87 25.85
CA ALA A 16 27.88 -15.94 25.86
C ALA A 16 28.38 -17.15 25.08
N LYS A 17 28.21 -18.33 25.67
CA LYS A 17 28.56 -19.58 25.02
C LYS A 17 27.75 -19.74 23.72
N PRO A 18 28.45 -19.96 22.59
CA PRO A 18 27.76 -20.13 21.30
C PRO A 18 26.65 -21.18 21.36
N MET A 19 25.64 -21.03 20.51
CA MET A 19 24.46 -21.90 20.54
C MET A 19 24.78 -23.29 20.00
N GLY A 20 25.93 -23.45 19.38
CA GLY A 20 26.35 -24.74 18.87
C GLY A 20 27.85 -24.91 18.98
N SER A 21 28.38 -25.95 18.34
N SER A 21 28.37 -25.95 18.33
CA SER A 21 29.80 -26.26 18.45
CA SER A 21 29.80 -26.28 18.42
C SER A 21 30.62 -25.46 17.46
C SER A 21 30.60 -25.45 17.43
N PHE A 22 30.78 -24.17 17.75
CA PHE A 22 31.54 -23.27 16.89
C PHE A 22 32.13 -22.14 17.73
N PRO A 23 33.17 -21.47 17.22
CA PRO A 23 33.85 -20.40 17.95
C PRO A 23 33.15 -19.07 17.73
N HIS A 24 33.49 -18.06 18.54
CA HIS A 24 33.01 -16.71 18.28
C HIS A 24 33.63 -16.11 17.03
N VAL A 25 34.88 -16.48 16.77
CA VAL A 25 35.61 -15.89 15.64
C VAL A 25 36.59 -16.91 15.06
N LYS A 26 36.75 -16.89 13.74
CA LYS A 26 37.65 -17.80 13.04
C LYS A 26 38.57 -17.02 12.12
N ARG A 27 39.88 -17.20 12.27
CA ARG A 27 40.82 -16.53 11.38
C ARG A 27 41.04 -17.35 10.13
N ALA A 28 41.13 -16.68 8.99
CA ALA A 28 41.47 -17.31 7.74
C ALA A 28 42.44 -16.40 6.98
N GLY A 29 43.71 -16.77 6.95
CA GLY A 29 44.71 -15.88 6.38
C GLY A 29 44.66 -14.53 7.08
N ASP A 30 44.44 -13.46 6.32
CA ASP A 30 44.36 -12.11 6.90
C ASP A 30 42.97 -11.73 7.40
N PHE A 31 42.00 -12.62 7.21
CA PHE A 31 40.61 -12.32 7.50
C PHE A 31 40.11 -12.95 8.80
N LEU A 32 39.13 -12.31 9.41
CA LEU A 32 38.48 -12.78 10.62
C LEU A 32 37.01 -12.88 10.36
N PHE A 33 36.44 -14.07 10.59
CA PHE A 33 35.01 -14.27 10.42
C PHE A 33 34.37 -14.38 11.78
N VAL A 34 33.48 -13.43 12.08
CA VAL A 34 32.84 -13.38 13.39
C VAL A 34 31.43 -13.98 13.28
N SER A 35 31.17 -15.01 14.06
CA SER A 35 29.87 -15.69 14.04
C SER A 35 28.74 -14.71 14.35
N GLY A 36 27.54 -14.99 13.86
CA GLY A 36 26.39 -14.14 14.13
C GLY A 36 26.29 -13.89 15.64
N THR A 37 26.10 -12.64 16.01
CA THR A 37 26.18 -12.24 17.41
C THR A 37 24.90 -11.54 17.85
N SER A 38 24.40 -11.91 19.02
CA SER A 38 23.17 -11.33 19.56
C SER A 38 23.47 -10.59 20.85
N SER A 39 22.43 -10.07 21.50
CA SER A 39 22.58 -9.35 22.77
C SER A 39 22.50 -10.30 23.97
N ARG A 40 22.49 -11.61 23.71
CA ARG A 40 22.36 -12.58 24.80
C ARG A 40 23.56 -12.55 25.76
N ARG A 41 23.26 -12.53 27.06
N ARG A 41 23.27 -12.53 27.07
CA ARG A 41 24.31 -12.58 28.09
CA ARG A 41 24.31 -12.59 28.08
C ARG A 41 24.73 -14.02 28.36
C ARG A 41 24.76 -14.03 28.32
N PRO A 42 25.94 -14.19 28.93
CA PRO A 42 26.45 -15.50 29.35
C PRO A 42 25.47 -16.29 30.23
N ASP A 43 24.62 -15.63 31.00
CA ASP A 43 23.67 -16.34 31.85
C ASP A 43 22.39 -16.66 31.10
N ASN A 44 22.44 -16.45 29.78
CA ASN A 44 21.32 -16.72 28.86
C ASN A 44 20.14 -15.79 29.05
N THR A 45 20.36 -14.66 29.74
CA THR A 45 19.38 -13.58 29.71
C THR A 45 19.73 -12.70 28.52
N PHE A 46 18.86 -11.75 28.20
CA PHE A 46 19.04 -10.94 27.01
C PHE A 46 19.07 -9.44 27.29
N VAL A 47 20.16 -8.77 26.93
CA VAL A 47 20.18 -7.32 26.98
C VAL A 47 19.15 -6.78 26.00
N GLY A 48 18.36 -5.78 26.40
CA GLY A 48 17.38 -5.21 25.49
C GLY A 48 16.19 -6.10 25.17
N ALA A 49 15.88 -7.03 26.07
CA ALA A 49 14.63 -7.80 25.96
C ALA A 49 14.02 -8.02 27.33
N GLU A 50 14.16 -7.01 28.19
CA GLU A 50 13.69 -7.11 29.56
C GLU A 50 12.22 -7.53 29.63
N PRO A 51 11.91 -8.61 30.36
CA PRO A 51 10.50 -8.98 30.50
C PRO A 51 9.69 -7.91 31.24
N ASP A 52 8.41 -7.76 30.89
CA ASP A 52 7.57 -6.84 31.64
C ASP A 52 6.98 -7.57 32.85
N ASP A 53 6.00 -6.97 33.51
CA ASP A 53 5.51 -7.54 34.78
C ASP A 53 4.92 -8.92 34.56
N THR A 54 4.40 -9.16 33.35
CA THR A 54 3.73 -10.41 33.01
C THR A 54 4.73 -11.49 32.58
N GLY A 55 6.01 -11.12 32.51
CA GLY A 55 7.04 -12.04 32.06
C GLY A 55 7.27 -12.04 30.56
N ARG A 56 6.52 -11.19 29.85
CA ARG A 56 6.65 -11.10 28.39
C ARG A 56 7.85 -10.22 28.05
N PRO A 57 8.81 -10.77 27.31
CA PRO A 57 9.97 -9.98 26.85
C PRO A 57 9.48 -8.75 26.09
N ARG A 58 10.15 -7.62 26.27
CA ARG A 58 9.85 -6.41 25.48
C ARG A 58 11.12 -6.03 24.71
N PRO A 59 11.30 -6.59 23.52
CA PRO A 59 12.53 -6.34 22.77
C PRO A 59 12.70 -4.86 22.43
N ASN A 60 13.94 -4.36 22.51
CA ASN A 60 14.25 -2.97 22.22
C ASN A 60 15.37 -2.93 21.19
N ILE A 61 15.07 -2.60 19.94
CA ILE A 61 16.08 -2.67 18.89
C ILE A 61 17.30 -1.75 19.16
N GLU A 62 17.08 -0.56 19.72
CA GLU A 62 18.21 0.30 20.05
C GLU A 62 19.17 -0.39 21.02
N LEU A 63 18.65 -0.88 22.14
CA LEU A 63 19.47 -1.51 23.16
C LEU A 63 20.16 -2.77 22.65
N GLN A 64 19.43 -3.61 21.92
CA GLN A 64 20.05 -4.83 21.40
C GLN A 64 21.13 -4.53 20.35
N THR A 65 20.90 -3.56 19.46
CA THR A 65 21.87 -3.26 18.43
C THR A 65 23.17 -2.75 19.05
N ARG A 66 23.04 -1.90 20.06
CA ARG A 66 24.24 -1.33 20.67
C ARG A 66 25.03 -2.43 21.37
N GLU A 67 24.32 -3.38 21.99
CA GLU A 67 24.97 -4.49 22.70
C GLU A 67 25.61 -5.48 21.72
N VAL A 68 24.94 -5.74 20.60
CA VAL A 68 25.51 -6.63 19.58
C VAL A 68 26.82 -6.07 19.03
N ILE A 69 26.83 -4.79 18.68
CA ILE A 69 28.07 -4.25 18.10
C ILE A 69 29.16 -4.18 19.18
N SER A 70 28.77 -3.89 20.42
CA SER A 70 29.71 -3.90 21.56
C SER A 70 30.30 -5.30 21.75
N ASN A 71 29.46 -6.32 21.63
CA ASN A 71 29.92 -7.71 21.76
C ASN A 71 30.88 -8.10 20.65
N ILE A 72 30.57 -7.65 19.43
CA ILE A 72 31.45 -7.90 18.31
C ILE A 72 32.78 -7.18 18.54
N ARG A 73 32.74 -5.97 19.09
CA ARG A 73 33.98 -5.26 19.37
C ARG A 73 34.83 -6.08 20.35
N ASP A 74 34.21 -6.61 21.40
CA ASP A 74 34.95 -7.38 22.40
C ASP A 74 35.58 -8.61 21.78
N ILE A 75 34.86 -9.25 20.87
CA ILE A 75 35.35 -10.47 20.22
C ILE A 75 36.57 -10.16 19.36
N LEU A 76 36.50 -9.06 18.62
CA LEU A 76 37.60 -8.64 17.79
C LEU A 76 38.81 -8.29 18.64
N GLN A 77 38.56 -7.62 19.77
N GLN A 77 38.58 -7.61 19.77
CA GLN A 77 39.64 -7.23 20.68
CA GLN A 77 39.70 -7.24 20.62
C GLN A 77 40.38 -8.43 21.27
C GLN A 77 40.43 -8.50 21.12
N SER A 78 39.68 -9.55 21.40
CA SER A 78 40.28 -10.77 21.95
C SER A 78 41.28 -11.38 20.96
N VAL A 79 41.12 -11.08 19.67
CA VAL A 79 42.06 -11.56 18.67
C VAL A 79 42.86 -10.42 18.01
N GLY A 80 43.04 -9.33 18.75
CA GLY A 80 43.97 -8.29 18.35
C GLY A 80 43.45 -7.34 17.28
N ALA A 81 42.13 -7.28 17.10
CA ALA A 81 41.50 -6.39 16.14
C ALA A 81 40.46 -5.49 16.80
N ASP A 82 39.82 -4.61 16.02
CA ASP A 82 38.77 -3.77 16.57
C ASP A 82 37.78 -3.37 15.47
N LEU A 83 36.83 -2.49 15.79
CA LEU A 83 35.75 -2.19 14.84
C LEU A 83 36.26 -1.53 13.56
N GLY A 84 37.41 -0.85 13.65
CA GLY A 84 37.99 -0.21 12.50
C GLY A 84 38.52 -1.18 11.46
N ASP A 85 38.55 -2.46 11.82
CA ASP A 85 39.05 -3.51 10.93
C ASP A 85 37.92 -4.22 10.22
N VAL A 86 36.68 -3.92 10.60
CA VAL A 86 35.52 -4.57 9.98
C VAL A 86 35.36 -4.10 8.53
N VAL A 87 35.08 -5.04 7.62
CA VAL A 87 34.94 -4.70 6.20
C VAL A 87 33.61 -5.16 5.58
N GLU A 88 32.89 -6.06 6.24
CA GLU A 88 31.54 -6.43 5.80
C GLU A 88 30.62 -6.75 6.97
N VAL A 89 29.48 -6.07 7.01
CA VAL A 89 28.45 -6.31 8.03
C VAL A 89 27.22 -6.90 7.39
N CYS A 90 26.75 -8.01 7.93
CA CYS A 90 25.46 -8.57 7.54
C CYS A 90 24.53 -8.52 8.74
N SER A 91 23.45 -7.75 8.65
CA SER A 91 22.54 -7.51 9.76
C SER A 91 21.20 -8.19 9.52
N TYR A 92 20.76 -8.98 10.50
CA TYR A 92 19.51 -9.71 10.37
C TYR A 92 18.51 -9.21 11.41
N LEU A 93 17.53 -8.44 10.93
CA LEU A 93 16.39 -8.00 11.73
C LEU A 93 15.30 -9.06 11.71
N VAL A 94 14.24 -8.87 12.50
CA VAL A 94 13.05 -9.71 12.32
C VAL A 94 11.88 -8.88 11.85
N ASN A 95 11.99 -7.56 11.98
CA ASN A 95 10.91 -6.68 11.51
C ASN A 95 11.46 -5.34 11.06
N MET A 96 11.17 -4.98 9.81
CA MET A 96 11.74 -3.77 9.21
C MET A 96 11.24 -2.51 9.88
N ASN A 97 10.23 -2.62 10.74
CA ASN A 97 9.80 -1.45 11.49
C ASN A 97 10.85 -1.06 12.53
N ASP A 98 11.80 -1.98 12.76
CA ASP A 98 12.94 -1.72 13.65
C ASP A 98 14.13 -1.07 12.92
N PHE A 99 14.01 -0.91 11.60
CA PHE A 99 15.13 -0.44 10.80
C PHE A 99 15.67 0.95 11.21
N ALA A 100 14.79 1.93 11.34
CA ALA A 100 15.25 3.30 11.59
C ALA A 100 16.10 3.38 12.87
N ALA A 101 15.64 2.72 13.92
CA ALA A 101 16.35 2.76 15.21
C ALA A 101 17.66 1.98 15.14
N TYR A 102 17.63 0.84 14.44
CA TYR A 102 18.85 0.06 14.23
C TYR A 102 19.86 0.88 13.44
N ASN A 103 19.40 1.60 12.44
CA ASN A 103 20.27 2.41 11.59
C ASN A 103 20.95 3.53 12.39
N LYS A 104 20.19 4.13 13.31
CA LYS A 104 20.69 5.19 14.16
C LYS A 104 21.82 4.71 15.06
N VAL A 105 21.67 3.50 15.59
CA VAL A 105 22.70 2.93 16.44
C VAL A 105 23.90 2.54 15.60
N TYR A 106 23.65 1.96 14.42
CA TYR A 106 24.74 1.56 13.53
C TYR A 106 25.66 2.75 13.28
N ALA A 107 25.06 3.91 13.07
CA ALA A 107 25.82 5.11 12.75
C ALA A 107 26.65 5.63 13.93
N GLU A 108 26.40 5.10 15.13
CA GLU A 108 27.22 5.47 16.28
C GLU A 108 28.61 4.83 16.22
N PHE A 109 28.74 3.81 15.38
CA PHE A 109 29.95 2.99 15.38
C PHE A 109 30.72 3.00 14.07
N PHE A 110 30.02 3.15 12.95
CA PHE A 110 30.69 3.00 11.66
C PHE A 110 30.59 4.25 10.79
N ASP A 111 31.75 4.70 10.30
CA ASP A 111 31.84 5.96 9.55
C ASP A 111 32.22 5.69 8.09
N ALA A 112 32.92 6.66 7.51
CA ALA A 112 32.94 6.85 6.05
C ALA A 112 33.06 5.68 5.07
N THR A 113 34.18 4.98 4.86
CA THR A 113 35.36 4.69 5.69
C THR A 113 35.10 3.44 6.53
N GLY A 114 33.98 2.84 6.43
CA GLY A 114 33.60 1.73 7.27
C GLY A 114 33.26 0.60 6.31
N PRO A 115 32.70 -0.49 6.84
CA PRO A 115 32.42 -1.70 6.07
C PRO A 115 31.22 -1.60 5.15
N ALA A 116 31.21 -2.45 4.13
CA ALA A 116 30.01 -2.72 3.35
C ALA A 116 28.92 -3.23 4.28
N ARG A 117 27.65 -2.95 3.96
CA ARG A 117 26.57 -3.40 4.84
C ARG A 117 25.38 -3.92 4.06
N THR A 118 24.75 -4.95 4.60
CA THR A 118 23.51 -5.49 4.04
C THR A 118 22.57 -5.74 5.22
N THR A 119 21.33 -5.25 5.11
CA THR A 119 20.35 -5.47 6.16
C THR A 119 19.08 -6.11 5.60
N VAL A 120 18.65 -7.22 6.18
CA VAL A 120 17.38 -7.86 5.82
C VAL A 120 16.65 -8.30 7.09
N ALA A 121 15.33 -8.49 6.99
CA ALA A 121 14.56 -9.09 8.07
C ALA A 121 14.33 -10.54 7.72
N VAL A 122 14.73 -11.42 8.62
CA VAL A 122 14.53 -12.85 8.44
C VAL A 122 13.23 -13.31 9.10
N HIS A 123 12.83 -14.54 8.83
CA HIS A 123 11.59 -15.04 9.40
C HIS A 123 11.73 -15.19 10.91
N GLN A 124 12.82 -15.82 11.35
CA GLN A 124 13.11 -15.96 12.79
C GLN A 124 14.62 -15.96 13.04
N LEU A 125 15.00 -15.46 14.21
CA LEU A 125 16.33 -15.66 14.76
C LEU A 125 16.25 -16.81 15.78
N PRO A 126 17.39 -17.26 16.30
CA PRO A 126 17.40 -18.49 17.12
C PRO A 126 16.68 -18.36 18.47
N HIS A 127 16.43 -17.15 18.93
CA HIS A 127 15.65 -16.93 20.15
C HIS A 127 14.56 -15.94 19.86
N PRO A 128 13.35 -16.19 20.40
CA PRO A 128 12.21 -15.34 20.04
C PRO A 128 12.32 -13.91 20.56
N GLN A 129 13.17 -13.65 21.55
CA GLN A 129 13.37 -12.30 22.09
C GLN A 129 14.29 -11.43 21.25
N LEU A 130 14.99 -12.02 20.29
CA LEU A 130 15.97 -11.26 19.51
C LEU A 130 15.30 -10.43 18.42
N VAL A 131 15.75 -9.19 18.24
CA VAL A 131 15.29 -8.40 17.10
C VAL A 131 16.45 -8.02 16.19
N ILE A 132 17.65 -8.49 16.53
CA ILE A 132 18.83 -8.25 15.68
C ILE A 132 19.94 -9.24 15.98
N GLU A 133 20.56 -9.72 14.92
CA GLU A 133 21.80 -10.48 15.02
C GLU A 133 22.71 -10.02 13.90
N ILE A 134 23.99 -9.82 14.19
CA ILE A 134 24.90 -9.31 13.17
C ILE A 134 26.09 -10.25 13.01
N LYS A 135 26.45 -10.56 11.77
CA LYS A 135 27.70 -11.29 11.51
C LYS A 135 28.65 -10.36 10.76
N VAL A 136 29.95 -10.45 11.06
CA VAL A 136 30.88 -9.58 10.33
C VAL A 136 32.09 -10.31 9.79
N VAL A 137 32.67 -9.72 8.76
CA VAL A 137 34.01 -10.07 8.31
C VAL A 137 34.93 -8.92 8.62
N ALA A 138 36.11 -9.23 9.14
CA ALA A 138 37.12 -8.21 9.41
C ALA A 138 38.42 -8.57 8.75
N TYR A 139 39.28 -7.58 8.59
CA TYR A 139 40.52 -7.75 7.89
C TYR A 139 41.66 -7.18 8.73
N LYS A 140 42.57 -8.03 9.14
CA LYS A 140 43.77 -7.57 9.84
C LYS A 140 44.87 -8.59 9.72
N PRO A 141 45.81 -8.33 8.81
CA PRO A 141 46.95 -9.22 8.66
C PRO A 141 47.70 -9.37 9.98
N LEU A 142 48.20 -10.57 10.23
CA LEU A 142 49.02 -10.81 11.42
C LEU A 142 50.37 -10.10 11.28
N SER B 8 40.11 2.59 0.77
CA SER B 8 39.57 1.24 0.63
C SER B 8 38.04 1.26 0.54
N ALA B 9 37.43 2.32 1.08
CA ALA B 9 35.98 2.46 1.03
C ALA B 9 35.55 3.45 -0.05
N LYS B 10 34.37 3.22 -0.64
CA LYS B 10 33.94 4.00 -1.79
C LYS B 10 32.46 4.37 -1.80
N LEU B 11 32.19 5.67 -1.87
CA LEU B 11 30.85 6.17 -2.17
C LEU B 11 30.80 6.54 -3.66
N VAL B 12 29.99 5.82 -4.41
CA VAL B 12 29.93 5.99 -5.86
C VAL B 12 29.00 7.15 -6.24
N GLU B 13 29.49 8.02 -7.11
CA GLU B 13 28.72 9.18 -7.55
C GLU B 13 27.60 8.80 -8.52
N GLY B 14 26.45 9.44 -8.33
CA GLY B 14 25.27 9.21 -9.18
C GLY B 14 24.62 7.86 -8.92
N LYS B 15 25.06 7.15 -7.89
CA LYS B 15 24.32 6.00 -7.39
C LYS B 15 23.50 6.45 -6.18
N ALA B 16 22.42 5.72 -5.89
CA ALA B 16 21.54 6.09 -4.78
C ALA B 16 22.30 6.13 -3.46
N LYS B 17 22.07 7.18 -2.68
CA LYS B 17 22.72 7.35 -1.38
C LYS B 17 22.37 6.20 -0.44
N PRO B 18 23.38 5.48 0.05
CA PRO B 18 23.18 4.32 0.94
C PRO B 18 22.26 4.63 2.13
N MET B 19 21.46 3.64 2.54
CA MET B 19 20.46 3.81 3.59
C MET B 19 21.05 4.25 4.93
N GLY B 20 22.33 3.95 5.14
CA GLY B 20 23.00 4.26 6.38
C GLY B 20 24.43 4.73 6.18
N SER B 21 25.19 4.76 7.26
CA SER B 21 26.57 5.25 7.23
C SER B 21 27.54 4.19 6.68
N PHE B 22 27.34 3.78 5.43
CA PHE B 22 28.22 2.81 4.81
C PHE B 22 28.44 3.09 3.33
N PRO B 23 29.60 2.66 2.81
CA PRO B 23 29.94 2.82 1.40
C PRO B 23 29.21 1.79 0.55
N HIS B 24 29.25 1.98 -0.76
CA HIS B 24 28.72 0.99 -1.68
C HIS B 24 29.64 -0.20 -1.75
N VAL B 25 30.94 0.04 -1.55
CA VAL B 25 31.94 -1.02 -1.69
C VAL B 25 33.12 -0.72 -0.78
N LYS B 26 33.70 -1.79 -0.22
CA LYS B 26 34.81 -1.71 0.71
C LYS B 26 35.91 -2.65 0.27
N ARG B 27 37.13 -2.14 0.10
CA ARG B 27 38.25 -3.03 -0.23
C ARG B 27 38.87 -3.60 1.04
N ALA B 28 39.27 -4.86 0.96
CA ALA B 28 39.99 -5.54 2.02
C ALA B 28 41.03 -6.44 1.38
N GLY B 29 42.28 -5.98 1.34
CA GLY B 29 43.31 -6.73 0.67
C GLY B 29 42.95 -6.83 -0.80
N ASP B 30 42.94 -8.06 -1.31
CA ASP B 30 42.60 -8.30 -2.71
C ASP B 30 41.10 -8.35 -2.98
N PHE B 31 40.30 -8.24 -1.92
CA PHE B 31 38.85 -8.44 -2.04
C PHE B 31 38.07 -7.15 -2.05
N LEU B 32 36.89 -7.21 -2.65
CA LEU B 32 35.95 -6.10 -2.67
C LEU B 32 34.60 -6.57 -2.15
N PHE B 33 34.12 -5.94 -1.08
CA PHE B 33 32.79 -6.27 -0.57
C PHE B 33 31.80 -5.21 -1.00
N VAL B 34 30.75 -5.63 -1.69
CA VAL B 34 29.74 -4.71 -2.21
C VAL B 34 28.49 -4.81 -1.35
N SER B 35 28.05 -3.68 -0.81
CA SER B 35 26.84 -3.63 0.02
C SER B 35 25.63 -4.12 -0.75
N GLY B 36 24.65 -4.64 -0.01
CA GLY B 36 23.41 -5.11 -0.59
C GLY B 36 22.84 -4.00 -1.44
N THR B 37 22.51 -4.32 -2.68
CA THR B 37 22.12 -3.32 -3.66
C THR B 37 20.71 -3.56 -4.19
N SER B 38 19.96 -2.47 -4.34
CA SER B 38 18.57 -2.53 -4.82
C SER B 38 18.42 -1.77 -6.12
N SER B 39 17.20 -1.72 -6.64
CA SER B 39 16.93 -0.96 -7.87
C SER B 39 16.65 0.52 -7.58
N ARG B 40 16.81 0.94 -6.34
N ARG B 40 16.80 0.94 -6.33
CA ARG B 40 16.54 2.33 -5.97
CA ARG B 40 16.52 2.33 -5.98
C ARG B 40 17.46 3.30 -6.70
C ARG B 40 17.45 3.31 -6.68
N ARG B 41 16.86 4.34 -7.30
CA ARG B 41 17.63 5.37 -8.00
C ARG B 41 18.14 6.41 -7.00
N PRO B 42 19.11 7.23 -7.43
CA PRO B 42 19.59 8.38 -6.66
C PRO B 42 18.47 9.26 -6.09
N ASP B 43 17.42 9.52 -6.87
CA ASP B 43 16.33 10.37 -6.41
C ASP B 43 15.33 9.62 -5.53
N ASN B 44 15.74 8.42 -5.12
CA ASN B 44 14.98 7.59 -4.19
C ASN B 44 13.68 7.02 -4.76
N THR B 45 13.45 7.20 -6.05
CA THR B 45 12.44 6.40 -6.73
C THR B 45 13.08 5.05 -7.04
N PHE B 46 12.28 4.11 -7.52
CA PHE B 46 12.74 2.74 -7.76
C PHE B 46 12.53 2.33 -9.21
N VAL B 47 13.54 1.72 -9.83
CA VAL B 47 13.28 1.06 -11.10
C VAL B 47 12.46 -0.18 -10.81
N GLY B 48 11.41 -0.39 -11.61
CA GLY B 48 10.62 -1.60 -11.45
C GLY B 48 9.67 -1.65 -10.26
N ALA B 49 9.15 -0.49 -9.86
CA ALA B 49 8.08 -0.47 -8.88
C ALA B 49 7.09 0.65 -9.20
N GLU B 50 6.80 0.82 -10.49
CA GLU B 50 5.87 1.87 -10.92
C GLU B 50 4.52 1.73 -10.25
N PRO B 51 3.99 2.83 -9.71
CA PRO B 51 2.68 2.83 -9.06
C PRO B 51 1.55 2.68 -10.06
N ASP B 52 0.51 1.95 -9.70
CA ASP B 52 -0.69 1.89 -10.53
C ASP B 52 -1.49 3.18 -10.34
N ASP B 53 -2.71 3.21 -10.87
CA ASP B 53 -3.51 4.44 -10.86
C ASP B 53 -3.98 4.83 -9.46
N THR B 54 -3.84 3.91 -8.51
CA THR B 54 -4.27 4.20 -7.14
C THR B 54 -3.08 4.69 -6.31
N GLY B 55 -1.90 4.69 -6.92
CA GLY B 55 -0.68 5.12 -6.27
C GLY B 55 0.09 3.94 -5.70
N ARG B 56 -0.47 2.75 -5.87
CA ARG B 56 0.09 1.53 -5.28
C ARG B 56 1.20 0.95 -6.15
N PRO B 57 2.42 0.86 -5.60
CA PRO B 57 3.56 0.32 -6.35
C PRO B 57 3.26 -1.07 -6.90
N ARG B 58 3.77 -1.35 -8.09
CA ARG B 58 3.63 -2.67 -8.70
C ARG B 58 5.02 -3.22 -8.99
N PRO B 59 5.60 -3.94 -8.03
CA PRO B 59 6.94 -4.50 -8.19
C PRO B 59 7.05 -5.42 -9.38
N ASN B 60 8.15 -5.28 -10.10
CA ASN B 60 8.44 -6.07 -11.28
C ASN B 60 9.80 -6.71 -11.07
N ILE B 61 9.81 -8.01 -10.78
CA ILE B 61 11.05 -8.67 -10.42
C ILE B 61 12.08 -8.65 -11.57
N GLU B 62 11.65 -8.84 -12.81
CA GLU B 62 12.57 -8.80 -13.93
C GLU B 62 13.26 -7.44 -14.01
N LEU B 63 12.48 -6.37 -13.99
CA LEU B 63 13.06 -5.03 -14.06
C LEU B 63 13.98 -4.74 -12.87
N GLN B 64 13.55 -5.08 -11.65
CA GLN B 64 14.40 -4.81 -10.47
C GLN B 64 15.70 -5.58 -10.52
N THR B 65 15.64 -6.87 -10.87
CA THR B 65 16.85 -7.70 -10.89
C THR B 65 17.88 -7.15 -11.89
N ARG B 66 17.40 -6.75 -13.06
CA ARG B 66 18.31 -6.22 -14.07
C ARG B 66 18.98 -4.94 -13.58
N GLU B 67 18.20 -4.08 -12.92
CA GLU B 67 18.75 -2.81 -12.44
C GLU B 67 19.71 -3.06 -11.27
N VAL B 68 19.37 -4.01 -10.39
CA VAL B 68 20.27 -4.34 -9.29
C VAL B 68 21.64 -4.76 -9.82
N ILE B 69 21.67 -5.67 -10.81
CA ILE B 69 22.96 -6.20 -11.25
C ILE B 69 23.72 -5.13 -12.04
N SER B 70 22.99 -4.35 -12.83
N SER B 70 22.99 -4.35 -12.83
CA SER B 70 23.59 -3.22 -13.50
CA SER B 70 23.58 -3.19 -13.50
C SER B 70 24.22 -2.25 -12.49
C SER B 70 24.22 -2.25 -12.48
N ASN B 71 23.52 -2.01 -11.38
CA ASN B 71 24.02 -1.11 -10.34
C ASN B 71 25.28 -1.69 -9.70
N ILE B 72 25.28 -3.00 -9.46
CA ILE B 72 26.47 -3.65 -8.91
C ILE B 72 27.67 -3.51 -9.86
N ARG B 73 27.43 -3.71 -11.15
N ARG B 73 27.44 -3.71 -11.15
CA ARG B 73 28.46 -3.48 -12.16
CA ARG B 73 28.50 -3.48 -12.13
C ARG B 73 29.04 -2.07 -12.04
C ARG B 73 29.05 -2.06 -12.03
N ASP B 74 28.16 -1.08 -11.94
CA ASP B 74 28.59 0.32 -11.87
C ASP B 74 29.46 0.58 -10.64
N ILE B 75 29.04 0.04 -9.50
CA ILE B 75 29.79 0.17 -8.26
C ILE B 75 31.18 -0.43 -8.42
N LEU B 76 31.25 -1.63 -8.99
CA LEU B 76 32.53 -2.30 -9.17
C LEU B 76 33.41 -1.50 -10.12
N GLN B 77 32.80 -1.01 -11.18
CA GLN B 77 33.59 -0.27 -12.17
C GLN B 77 34.21 0.99 -11.56
N SER B 78 33.56 1.57 -10.54
CA SER B 78 34.10 2.78 -9.93
C SER B 78 35.41 2.53 -9.19
N VAL B 79 35.70 1.26 -8.89
CA VAL B 79 36.94 0.89 -8.20
C VAL B 79 37.79 -0.04 -9.08
N GLY B 80 37.54 -0.02 -10.39
CA GLY B 80 38.43 -0.67 -11.34
C GLY B 80 38.18 -2.15 -11.53
N ALA B 81 37.04 -2.63 -11.04
CA ALA B 81 36.65 -4.03 -11.21
C ALA B 81 35.43 -4.14 -12.13
N ASP B 82 34.99 -5.38 -12.39
CA ASP B 82 33.76 -5.58 -13.15
C ASP B 82 33.11 -6.90 -12.75
N LEU B 83 31.99 -7.26 -13.38
CA LEU B 83 31.26 -8.46 -12.98
C LEU B 83 32.10 -9.73 -13.14
N GLY B 84 33.05 -9.70 -14.06
CA GLY B 84 33.97 -10.82 -14.23
C GLY B 84 34.81 -11.11 -13.00
N ASP B 85 34.85 -10.17 -12.06
CA ASP B 85 35.64 -10.33 -10.84
C ASP B 85 34.80 -10.81 -9.67
N VAL B 86 33.48 -10.89 -9.85
CA VAL B 86 32.60 -11.33 -8.77
C VAL B 86 32.84 -12.82 -8.47
N VAL B 87 32.89 -13.18 -7.20
CA VAL B 87 33.14 -14.58 -6.86
C VAL B 87 32.05 -15.18 -5.98
N GLU B 88 31.26 -14.33 -5.30
CA GLU B 88 30.11 -14.80 -4.54
C GLU B 88 28.93 -13.86 -4.66
N VAL B 89 27.76 -14.42 -4.97
CA VAL B 89 26.53 -13.65 -5.04
C VAL B 89 25.56 -14.17 -3.98
N CYS B 90 25.02 -13.27 -3.16
CA CYS B 90 23.92 -13.63 -2.29
C CYS B 90 22.68 -12.84 -2.67
N SER B 91 21.60 -13.53 -3.02
CA SER B 91 20.41 -12.85 -3.51
C SER B 91 19.25 -13.02 -2.52
N TYR B 92 18.58 -11.92 -2.25
CA TYR B 92 17.49 -11.89 -1.29
C TYR B 92 16.21 -11.47 -1.99
N LEU B 93 15.36 -12.46 -2.25
CA LEU B 93 14.01 -12.22 -2.73
C LEU B 93 13.07 -11.99 -1.55
N VAL B 94 11.79 -11.70 -1.81
CA VAL B 94 10.78 -11.71 -0.75
C VAL B 94 9.71 -12.74 -1.04
N ASN B 95 9.65 -13.24 -2.27
CA ASN B 95 8.72 -14.31 -2.56
C ASN B 95 9.23 -15.23 -3.66
N MET B 96 9.28 -16.52 -3.37
CA MET B 96 9.87 -17.49 -4.30
C MET B 96 9.11 -17.62 -5.59
N ASN B 97 7.88 -17.10 -5.65
CA ASN B 97 7.18 -17.13 -6.94
C ASN B 97 7.84 -16.19 -7.93
N ASP B 98 8.75 -15.35 -7.43
CA ASP B 98 9.56 -14.47 -8.27
C ASP B 98 10.86 -15.14 -8.77
N PHE B 99 11.12 -16.38 -8.34
CA PHE B 99 12.40 -17.03 -8.65
C PHE B 99 12.73 -17.16 -10.15
N ALA B 100 11.78 -17.67 -10.94
CA ALA B 100 12.09 -17.97 -12.34
C ALA B 100 12.48 -16.72 -13.14
N ALA B 101 11.84 -15.59 -12.85
CA ALA B 101 12.17 -14.36 -13.55
C ALA B 101 13.53 -13.83 -13.11
N TYR B 102 13.77 -13.83 -11.80
CA TYR B 102 15.08 -13.49 -11.25
C TYR B 102 16.15 -14.37 -11.89
N ASN B 103 15.85 -15.64 -12.01
CA ASN B 103 16.80 -16.60 -12.53
C ASN B 103 17.14 -16.29 -14.00
N LYS B 104 16.10 -15.93 -14.76
N LYS B 104 16.14 -15.91 -14.79
CA LYS B 104 16.27 -15.54 -16.16
CA LYS B 104 16.34 -15.50 -16.17
C LYS B 104 17.18 -14.30 -16.29
C LYS B 104 17.23 -14.27 -16.30
N VAL B 105 17.00 -13.31 -15.44
CA VAL B 105 17.82 -12.10 -15.54
C VAL B 105 19.25 -12.37 -15.09
N TYR B 106 19.41 -13.18 -14.05
CA TYR B 106 20.73 -13.52 -13.57
C TYR B 106 21.60 -14.03 -14.72
N ALA B 107 21.01 -14.88 -15.55
CA ALA B 107 21.73 -15.51 -16.64
C ALA B 107 22.12 -14.51 -17.74
N GLU B 108 21.57 -13.30 -17.68
CA GLU B 108 21.97 -12.29 -18.66
C GLU B 108 23.36 -11.78 -18.32
N PHE B 109 23.81 -12.02 -17.08
CA PHE B 109 25.01 -11.35 -16.58
C PHE B 109 26.13 -12.31 -16.20
N PHE B 110 25.75 -13.50 -15.73
CA PHE B 110 26.69 -14.47 -15.18
C PHE B 110 26.45 -15.85 -15.77
N ASP B 111 27.49 -16.68 -15.83
CA ASP B 111 27.30 -18.06 -16.22
C ASP B 111 28.03 -18.99 -15.26
N ALA B 112 28.16 -20.24 -15.65
CA ALA B 112 28.66 -21.24 -14.71
C ALA B 112 30.17 -21.16 -14.50
N THR B 113 30.83 -20.25 -15.24
CA THR B 113 32.24 -19.96 -15.01
C THR B 113 32.40 -18.81 -14.02
N GLY B 114 31.27 -18.25 -13.59
CA GLY B 114 31.23 -17.06 -12.75
C GLY B 114 31.16 -17.37 -11.26
N PRO B 115 30.50 -16.50 -10.49
CA PRO B 115 30.51 -16.60 -9.02
C PRO B 115 29.60 -17.68 -8.48
N ALA B 116 29.95 -18.18 -7.29
CA ALA B 116 29.02 -18.99 -6.48
C ALA B 116 27.78 -18.17 -6.20
N ARG B 117 26.63 -18.84 -6.06
CA ARG B 117 25.37 -18.11 -5.83
C ARG B 117 24.47 -18.76 -4.80
N THR B 118 23.90 -17.95 -3.91
CA THR B 118 22.92 -18.42 -2.92
C THR B 118 21.70 -17.52 -3.02
N THR B 119 20.52 -18.12 -3.05
CA THR B 119 19.27 -17.38 -3.20
C THR B 119 18.24 -17.81 -2.16
N VAL B 120 17.78 -16.85 -1.35
CA VAL B 120 16.71 -17.13 -0.38
C VAL B 120 15.67 -16.01 -0.45
N ALA B 121 14.44 -16.29 -0.01
CA ALA B 121 13.45 -15.24 0.24
C ALA B 121 13.48 -14.86 1.73
N VAL B 122 13.67 -13.56 2.00
CA VAL B 122 13.66 -13.06 3.36
C VAL B 122 12.26 -12.57 3.74
N HIS B 123 12.06 -12.28 5.03
CA HIS B 123 10.77 -11.79 5.48
C HIS B 123 10.50 -10.39 4.89
N GLN B 124 11.48 -9.48 4.96
CA GLN B 124 11.32 -8.14 4.39
C GLN B 124 12.65 -7.58 3.93
N LEU B 125 12.61 -6.78 2.87
CA LEU B 125 13.74 -5.94 2.51
C LEU B 125 13.50 -4.54 3.07
N PRO B 126 14.51 -3.64 3.02
CA PRO B 126 14.37 -2.34 3.73
C PRO B 126 13.31 -1.37 3.18
N HIS B 127 12.79 -1.61 1.97
CA HIS B 127 11.68 -0.82 1.41
C HIS B 127 10.64 -1.79 0.89
N PRO B 128 9.36 -1.48 1.10
CA PRO B 128 8.30 -2.46 0.77
C PRO B 128 8.13 -2.66 -0.74
N GLN B 129 8.62 -1.73 -1.55
CA GLN B 129 8.56 -1.82 -3.02
C GLN B 129 9.52 -2.86 -3.58
N LEU B 130 10.50 -3.27 -2.78
CA LEU B 130 11.58 -4.10 -3.30
C LEU B 130 11.19 -5.58 -3.36
N VAL B 131 11.58 -6.26 -4.44
CA VAL B 131 11.40 -7.71 -4.48
C VAL B 131 12.74 -8.41 -4.67
N ILE B 132 13.83 -7.65 -4.67
CA ILE B 132 15.16 -8.26 -4.76
C ILE B 132 16.24 -7.30 -4.27
N GLU B 133 17.21 -7.83 -3.54
CA GLU B 133 18.44 -7.12 -3.20
C GLU B 133 19.58 -8.13 -3.30
N ILE B 134 20.73 -7.68 -3.79
CA ILE B 134 21.86 -8.60 -3.98
C ILE B 134 23.13 -7.99 -3.39
N LYS B 135 23.90 -8.79 -2.64
CA LYS B 135 25.22 -8.35 -2.20
C LYS B 135 26.24 -9.28 -2.82
N VAL B 136 27.43 -8.76 -3.11
CA VAL B 136 28.43 -9.60 -3.75
C VAL B 136 29.79 -9.42 -3.12
N VAL B 137 30.61 -10.45 -3.31
CA VAL B 137 32.02 -10.36 -2.99
C VAL B 137 32.73 -10.48 -4.33
N ALA B 138 33.73 -9.64 -4.54
CA ALA B 138 34.54 -9.67 -5.75
C ALA B 138 36.02 -9.78 -5.37
N TYR B 139 36.82 -10.25 -6.31
CA TYR B 139 38.24 -10.49 -6.09
C TYR B 139 39.03 -9.80 -7.18
N LYS B 140 39.93 -8.90 -6.78
CA LYS B 140 40.66 -8.05 -7.72
C LYS B 140 41.88 -7.45 -7.04
N PRO B 141 43.00 -8.20 -7.05
CA PRO B 141 44.26 -7.71 -6.49
C PRO B 141 44.68 -6.41 -7.17
N LEU B 142 45.18 -5.44 -6.39
CA LEU B 142 45.61 -4.16 -6.95
C LEU B 142 46.82 -4.31 -7.87
N ALA C 5 39.90 -16.83 -12.16
CA ALA C 5 40.50 -16.99 -13.49
C ALA C 5 39.85 -18.12 -14.30
N ASP C 6 40.58 -18.60 -15.31
CA ASP C 6 40.06 -19.56 -16.28
C ASP C 6 39.48 -20.84 -15.67
N ASN C 7 40.07 -21.30 -14.57
CA ASN C 7 39.64 -22.56 -13.94
C ASN C 7 39.18 -22.38 -12.50
N SER C 8 38.84 -21.15 -12.15
CA SER C 8 38.49 -20.83 -10.76
C SER C 8 37.12 -21.40 -10.37
N ALA C 9 36.21 -21.54 -11.34
CA ALA C 9 34.86 -22.07 -11.04
C ALA C 9 34.79 -23.55 -11.34
N LYS C 10 34.02 -24.30 -10.55
CA LYS C 10 33.89 -25.72 -10.83
C LYS C 10 32.46 -26.21 -10.74
N LEU C 11 32.01 -26.85 -11.81
N LEU C 11 32.03 -26.88 -11.80
CA LEU C 11 30.78 -27.64 -11.75
CA LEU C 11 30.79 -27.64 -11.77
C LEU C 11 31.20 -29.06 -11.41
C LEU C 11 31.14 -29.08 -11.44
N VAL C 12 30.73 -29.54 -10.26
CA VAL C 12 31.12 -30.84 -9.76
C VAL C 12 30.30 -31.98 -10.38
N GLU C 13 30.98 -32.93 -11.00
CA GLU C 13 30.35 -34.11 -11.54
C GLU C 13 29.71 -34.93 -10.41
N GLY C 14 28.49 -35.41 -10.63
CA GLY C 14 27.82 -36.22 -9.64
C GLY C 14 27.02 -35.46 -8.61
N LYS C 15 27.05 -34.13 -8.69
CA LYS C 15 26.25 -33.31 -7.79
C LYS C 15 25.03 -32.79 -8.55
N ALA C 16 23.96 -32.49 -7.82
CA ALA C 16 22.75 -31.93 -8.43
C ALA C 16 23.08 -30.69 -9.29
N LYS C 17 22.45 -30.58 -10.46
CA LYS C 17 22.66 -29.43 -11.33
C LYS C 17 22.20 -28.15 -10.65
N PRO C 18 23.07 -27.14 -10.56
CA PRO C 18 22.67 -25.88 -9.95
C PRO C 18 21.37 -25.32 -10.54
N MET C 19 20.60 -24.66 -9.69
N MET C 19 20.59 -24.66 -9.70
CA MET C 19 19.28 -24.15 -10.05
CA MET C 19 19.27 -24.19 -10.10
C MET C 19 19.37 -23.02 -11.08
C MET C 19 19.34 -22.94 -10.99
N GLY C 20 20.55 -22.42 -11.18
CA GLY C 20 20.76 -21.31 -12.10
C GLY C 20 22.11 -21.43 -12.77
N SER C 21 22.52 -20.39 -13.50
CA SER C 21 23.76 -20.47 -14.27
C SER C 21 24.96 -20.10 -13.40
N PHE C 22 25.31 -20.99 -12.48
CA PHE C 22 26.42 -20.78 -11.56
C PHE C 22 27.07 -22.10 -11.18
N PRO C 23 28.32 -22.06 -10.72
CA PRO C 23 29.05 -23.29 -10.37
C PRO C 23 28.78 -23.71 -8.95
N HIS C 24 29.21 -24.92 -8.57
CA HIS C 24 29.09 -25.35 -7.19
C HIS C 24 30.06 -24.60 -6.29
N VAL C 25 31.22 -24.27 -6.82
CA VAL C 25 32.25 -23.64 -6.00
C VAL C 25 33.12 -22.73 -6.85
N LYS C 26 33.60 -21.66 -6.23
CA LYS C 26 34.37 -20.65 -6.94
C LYS C 26 35.59 -20.29 -6.11
N ARG C 27 36.77 -20.40 -6.70
CA ARG C 27 37.99 -20.01 -6.00
C ARG C 27 38.26 -18.53 -6.21
N ALA C 28 38.73 -17.89 -5.15
CA ALA C 28 39.17 -16.51 -5.20
C ALA C 28 40.44 -16.40 -4.36
N GLY C 29 41.59 -16.37 -5.02
CA GLY C 29 42.85 -16.39 -4.31
C GLY C 29 42.92 -17.65 -3.45
N ASP C 30 43.10 -17.48 -2.14
CA ASP C 30 43.23 -18.62 -1.24
C ASP C 30 41.88 -19.13 -0.76
N PHE C 31 40.81 -18.46 -1.16
CA PHE C 31 39.47 -18.80 -0.66
C PHE C 31 38.62 -19.58 -1.66
N LEU C 32 37.65 -20.32 -1.10
CA LEU C 32 36.69 -21.08 -1.88
C LEU C 32 35.32 -20.67 -1.42
N PHE C 33 34.47 -20.26 -2.35
CA PHE C 33 33.09 -19.93 -2.04
C PHE C 33 32.20 -21.03 -2.58
N VAL C 34 31.47 -21.67 -1.68
CA VAL C 34 30.56 -22.76 -2.03
C VAL C 34 29.12 -22.27 -2.09
N SER C 35 28.48 -22.47 -3.24
CA SER C 35 27.07 -22.10 -3.43
C SER C 35 26.16 -22.75 -2.42
N GLY C 36 25.09 -22.04 -2.04
CA GLY C 36 24.07 -22.59 -1.17
C GLY C 36 23.68 -23.99 -1.62
N THR C 37 23.74 -24.93 -0.68
CA THR C 37 23.56 -26.35 -0.99
C THR C 37 22.40 -26.97 -0.20
N SER C 38 21.56 -27.74 -0.91
CA SER C 38 20.43 -28.42 -0.31
C SER C 38 20.62 -29.93 -0.29
N SER C 39 19.59 -30.65 0.12
CA SER C 39 19.68 -32.10 0.17
C SER C 39 19.24 -32.72 -1.16
N ARG C 40 19.08 -31.90 -2.19
CA ARG C 40 18.61 -32.38 -3.51
C ARG C 40 19.63 -33.31 -4.20
N ARG C 41 19.15 -34.48 -4.64
N ARG C 41 19.17 -34.45 -4.66
CA ARG C 41 19.97 -35.44 -5.36
CA ARG C 41 20.03 -35.38 -5.36
C ARG C 41 20.19 -35.01 -6.81
C ARG C 41 20.22 -35.00 -6.82
N PRO C 42 21.18 -35.63 -7.47
CA PRO C 42 21.41 -35.39 -8.90
C PRO C 42 20.16 -35.70 -9.74
N ASP C 43 19.31 -36.64 -9.30
CA ASP C 43 18.10 -36.96 -10.05
C ASP C 43 16.92 -36.06 -9.67
N ASN C 44 17.20 -35.00 -8.92
CA ASN C 44 16.24 -33.99 -8.51
C ASN C 44 15.20 -34.46 -7.47
N THR C 45 15.37 -35.66 -6.94
CA THR C 45 14.66 -36.03 -5.73
C THR C 45 15.39 -35.42 -4.54
N PHE C 46 14.76 -35.48 -3.36
CA PHE C 46 15.34 -34.88 -2.16
C PHE C 46 15.61 -35.92 -1.07
N VAL C 47 16.79 -35.87 -0.45
CA VAL C 47 17.00 -36.66 0.77
C VAL C 47 16.22 -35.97 1.89
N GLY C 48 15.53 -36.76 2.70
CA GLY C 48 14.86 -36.20 3.87
C GLY C 48 13.58 -35.43 3.56
N ALA C 49 12.80 -35.90 2.58
CA ALA C 49 11.50 -35.29 2.32
C ALA C 49 10.54 -36.32 1.77
N GLU C 50 10.58 -37.53 2.32
CA GLU C 50 9.73 -38.61 1.84
C GLU C 50 8.26 -38.25 2.02
N PRO C 51 7.47 -38.51 0.98
CA PRO C 51 6.00 -38.34 0.97
C PRO C 51 5.36 -39.17 2.05
N ASP C 52 4.37 -38.62 2.75
CA ASP C 52 3.59 -39.41 3.68
C ASP C 52 2.52 -40.21 2.92
N ASP C 53 1.56 -40.77 3.65
CA ASP C 53 0.57 -41.66 3.05
C ASP C 53 -0.40 -40.98 2.05
N THR C 54 -0.42 -39.65 2.01
CA THR C 54 -1.27 -38.97 1.01
C THR C 54 -0.43 -38.35 -0.12
N GLY C 55 0.89 -38.51 -0.04
CA GLY C 55 1.76 -37.98 -1.08
C GLY C 55 2.37 -36.66 -0.70
N ARG C 56 2.00 -36.15 0.47
CA ARG C 56 2.55 -34.90 0.98
C ARG C 56 3.95 -35.09 1.54
N PRO C 57 4.93 -34.35 1.00
CA PRO C 57 6.30 -34.43 1.51
C PRO C 57 6.35 -34.20 3.01
N ARG C 58 7.16 -35.00 3.71
CA ARG C 58 7.39 -34.80 5.15
C ARG C 58 8.86 -34.45 5.42
N PRO C 59 9.19 -33.16 5.44
CA PRO C 59 10.60 -32.78 5.60
C PRO C 59 11.17 -33.25 6.92
N ASN C 60 12.43 -33.67 6.88
CA ASN C 60 13.14 -34.18 8.05
C ASN C 60 14.44 -33.41 8.23
N ILE C 61 14.49 -32.50 9.19
CA ILE C 61 15.69 -31.63 9.30
C ILE C 61 16.99 -32.39 9.61
N GLU C 62 16.90 -33.47 10.40
CA GLU C 62 18.10 -34.26 10.68
C GLU C 62 18.68 -34.82 9.39
N LEU C 63 17.85 -35.52 8.63
CA LEU C 63 18.29 -36.14 7.38
C LEU C 63 18.76 -35.12 6.36
N GLN C 64 18.05 -34.01 6.24
CA GLN C 64 18.44 -32.97 5.27
C GLN C 64 19.76 -32.34 5.68
N THR C 65 19.92 -32.03 6.96
CA THR C 65 21.14 -31.34 7.39
C THR C 65 22.38 -32.22 7.17
N ARG C 66 22.26 -33.51 7.48
CA ARG C 66 23.37 -34.44 7.25
C ARG C 66 23.73 -34.51 5.76
N GLU C 67 22.71 -34.59 4.91
CA GLU C 67 22.93 -34.63 3.46
C GLU C 67 23.56 -33.33 2.94
N VAL C 68 23.07 -32.20 3.43
CA VAL C 68 23.62 -30.91 3.00
C VAL C 68 25.11 -30.83 3.33
N ILE C 69 25.49 -31.21 4.54
CA ILE C 69 26.89 -31.07 4.91
C ILE C 69 27.74 -32.11 4.15
N SER C 70 27.18 -33.31 3.93
CA SER C 70 27.88 -34.33 3.14
C SER C 70 28.13 -33.82 1.73
N ASN C 71 27.14 -33.14 1.16
CA ASN C 71 27.26 -32.57 -0.19
C ASN C 71 28.33 -31.46 -0.24
N ILE C 72 28.33 -30.59 0.76
CA ILE C 72 29.35 -29.53 0.83
C ILE C 72 30.75 -30.16 0.90
N ARG C 73 30.86 -31.24 1.65
CA ARG C 73 32.14 -31.94 1.72
C ARG C 73 32.55 -32.44 0.33
N ASP C 74 31.62 -33.04 -0.41
CA ASP C 74 31.91 -33.55 -1.75
C ASP C 74 32.44 -32.45 -2.67
N ILE C 75 31.80 -31.29 -2.60
CA ILE C 75 32.16 -30.17 -3.44
C ILE C 75 33.57 -29.71 -3.09
N LEU C 76 33.86 -29.60 -1.79
CA LEU C 76 35.22 -29.21 -1.37
C LEU C 76 36.25 -30.24 -1.77
N GLN C 77 35.91 -31.51 -1.63
CA GLN C 77 36.84 -32.58 -2.00
C GLN C 77 37.20 -32.53 -3.48
N SER C 78 36.27 -32.06 -4.31
CA SER C 78 36.48 -32.02 -5.75
C SER C 78 37.53 -30.99 -6.14
N VAL C 79 37.85 -30.08 -5.22
CA VAL C 79 38.94 -29.13 -5.46
C VAL C 79 40.05 -29.25 -4.41
N GLY C 80 40.20 -30.44 -3.85
CA GLY C 80 41.34 -30.73 -3.00
C GLY C 80 41.22 -30.21 -1.58
N ALA C 81 40.02 -29.82 -1.17
CA ALA C 81 39.79 -29.34 0.19
C ALA C 81 38.86 -30.27 0.97
N ASP C 82 38.55 -29.88 2.20
N ASP C 82 38.53 -29.91 2.20
CA ASP C 82 37.78 -30.74 3.11
CA ASP C 82 37.55 -30.67 2.96
C ASP C 82 37.14 -29.88 4.21
C ASP C 82 36.95 -29.83 4.07
N LEU C 83 36.22 -30.47 4.98
CA LEU C 83 35.48 -29.70 5.98
C LEU C 83 36.42 -28.99 6.98
N GLY C 84 37.61 -29.51 7.16
CA GLY C 84 38.58 -28.87 8.03
C GLY C 84 39.09 -27.52 7.52
N ASP C 85 38.83 -27.24 6.25
CA ASP C 85 39.23 -25.98 5.63
C ASP C 85 38.12 -24.92 5.69
N VAL C 86 36.93 -25.33 6.14
CA VAL C 86 35.80 -24.40 6.20
C VAL C 86 36.02 -23.35 7.29
N VAL C 87 35.70 -22.08 7.01
CA VAL C 87 35.94 -21.03 8.00
C VAL C 87 34.71 -20.20 8.29
N GLU C 88 33.70 -20.26 7.41
CA GLU C 88 32.43 -19.60 7.70
C GLU C 88 31.25 -20.41 7.17
N VAL C 89 30.28 -20.66 8.04
CA VAL C 89 29.07 -21.39 7.68
C VAL C 89 27.88 -20.47 7.85
N CYS C 90 27.07 -20.34 6.80
CA CYS C 90 25.79 -19.63 6.90
C CYS C 90 24.67 -20.62 6.63
N SER C 91 23.82 -20.83 7.62
CA SER C 91 22.75 -21.81 7.55
C SER C 91 21.39 -21.13 7.47
N TYR C 92 20.58 -21.59 6.52
CA TYR C 92 19.25 -21.03 6.34
C TYR C 92 18.19 -22.08 6.60
N LEU C 93 17.51 -21.97 7.74
CA LEU C 93 16.37 -22.81 8.08
C LEU C 93 15.11 -22.15 7.54
N VAL C 94 13.95 -22.81 7.67
CA VAL C 94 12.66 -22.14 7.42
C VAL C 94 11.79 -22.07 8.68
N ASN C 95 12.10 -22.89 9.67
N ASN C 95 12.20 -22.81 9.71
CA ASN C 95 11.41 -22.76 10.94
CA ASN C 95 11.40 -23.00 10.92
C ASN C 95 12.35 -23.12 12.07
C ASN C 95 12.34 -23.19 12.13
N MET C 96 12.40 -22.23 13.06
CA MET C 96 13.33 -22.37 14.19
C MET C 96 13.00 -23.56 15.08
N ASN C 97 11.82 -24.15 14.91
CA ASN C 97 11.50 -25.35 15.67
C ASN C 97 12.37 -26.52 15.20
N ASP C 98 13.01 -26.33 14.04
CA ASP C 98 13.97 -27.30 13.52
C ASP C 98 15.40 -27.08 14.05
N PHE C 99 15.61 -26.04 14.84
CA PHE C 99 16.97 -25.67 15.26
C PHE C 99 17.69 -26.77 16.04
N ALA C 100 17.06 -27.33 17.08
CA ALA C 100 17.74 -28.31 17.93
C ALA C 100 18.29 -29.52 17.16
N ALA C 101 17.48 -30.11 16.30
CA ALA C 101 17.95 -31.26 15.50
C ALA C 101 19.03 -30.86 14.50
N TYR C 102 18.87 -29.70 13.87
CA TYR C 102 19.91 -29.16 12.97
C TYR C 102 21.22 -28.99 13.72
N ASN C 103 21.13 -28.44 14.92
CA ASN C 103 22.29 -28.15 15.75
C ASN C 103 23.05 -29.43 16.12
N LYS C 104 22.29 -30.47 16.43
CA LYS C 104 22.85 -31.78 16.77
C LYS C 104 23.61 -32.39 15.61
N VAL C 105 23.08 -32.28 14.39
CA VAL C 105 23.80 -32.79 13.22
C VAL C 105 25.04 -31.96 12.92
N TYR C 106 24.94 -30.65 13.07
CA TYR C 106 26.09 -29.79 12.80
C TYR C 106 27.28 -30.26 13.63
N ALA C 107 27.00 -30.64 14.88
CA ALA C 107 28.05 -31.08 15.81
C ALA C 107 28.67 -32.43 15.41
N GLU C 108 28.01 -33.18 14.53
CA GLU C 108 28.62 -34.40 14.00
C GLU C 108 29.81 -34.09 13.10
N PHE C 109 29.86 -32.88 12.56
CA PHE C 109 30.82 -32.53 11.52
C PHE C 109 31.84 -31.45 11.93
N PHE C 110 31.42 -30.50 12.77
CA PHE C 110 32.27 -29.37 13.12
C PHE C 110 32.34 -29.21 14.64
N ASP C 111 33.40 -28.59 15.14
CA ASP C 111 33.47 -28.24 16.55
C ASP C 111 34.00 -26.83 16.73
N ALA C 112 34.30 -26.47 17.98
CA ALA C 112 34.64 -25.08 18.29
C ALA C 112 36.02 -24.67 17.77
N THR C 113 36.76 -25.63 17.23
CA THR C 113 38.03 -25.32 16.56
C THR C 113 37.79 -25.02 15.08
N GLY C 114 36.54 -25.21 14.62
CA GLY C 114 36.17 -25.05 13.22
C GLY C 114 35.64 -23.68 12.82
N PRO C 115 34.68 -23.65 11.88
CA PRO C 115 34.27 -22.37 11.28
C PRO C 115 33.35 -21.52 12.14
N ALA C 116 33.34 -20.21 11.87
CA ALA C 116 32.31 -19.33 12.40
C ALA C 116 30.96 -19.77 11.85
N ARG C 117 29.89 -19.61 12.62
CA ARG C 117 28.58 -20.07 12.14
C ARG C 117 27.49 -19.04 12.41
N THR C 118 26.60 -18.87 11.44
CA THR C 118 25.43 -18.03 11.61
C THR C 118 24.22 -18.82 11.12
N THR C 119 23.14 -18.79 11.91
CA THR C 119 21.92 -19.55 11.58
C THR C 119 20.66 -18.69 11.69
N VAL C 120 19.91 -18.58 10.58
CA VAL C 120 18.65 -17.85 10.61
C VAL C 120 17.57 -18.63 9.89
N ALA C 121 16.32 -18.29 10.15
CA ALA C 121 15.21 -18.90 9.41
C ALA C 121 14.73 -17.88 8.41
N VAL C 122 14.70 -18.26 7.14
CA VAL C 122 14.24 -17.39 6.08
C VAL C 122 12.76 -17.58 5.80
N HIS C 123 12.17 -16.70 5.01
CA HIS C 123 10.77 -16.85 4.62
C HIS C 123 10.55 -18.08 3.76
N GLN C 124 11.40 -18.25 2.74
CA GLN C 124 11.33 -19.39 1.81
C GLN C 124 12.68 -19.79 1.24
N LEU C 125 12.84 -21.09 1.01
CA LEU C 125 13.97 -21.61 0.24
C LEU C 125 13.45 -21.97 -1.16
N PRO C 126 14.36 -22.26 -2.10
CA PRO C 126 13.97 -22.41 -3.52
C PRO C 126 13.05 -23.60 -3.86
N HIS C 127 12.94 -24.58 -2.95
CA HIS C 127 11.96 -25.67 -3.09
C HIS C 127 11.19 -25.83 -1.80
N PRO C 128 9.88 -26.10 -1.91
CA PRO C 128 9.06 -26.15 -0.68
C PRO C 128 9.38 -27.34 0.22
N GLN C 129 10.04 -28.37 -0.30
CA GLN C 129 10.41 -29.55 0.49
C GLN C 129 11.59 -29.30 1.43
N LEU C 130 12.33 -28.22 1.19
CA LEU C 130 13.55 -27.98 1.93
C LEU C 130 13.31 -27.38 3.31
N VAL C 131 14.07 -27.83 4.30
CA VAL C 131 14.06 -27.15 5.60
C VAL C 131 15.45 -26.62 5.98
N ILE C 132 16.42 -26.79 5.09
CA ILE C 132 17.77 -26.26 5.35
C ILE C 132 18.53 -26.09 4.05
N GLU C 133 19.26 -24.99 3.95
CA GLU C 133 20.24 -24.80 2.90
C GLU C 133 21.44 -24.17 3.57
N ILE C 134 22.64 -24.54 3.16
CA ILE C 134 23.87 -23.99 3.78
C ILE C 134 24.85 -23.50 2.73
N LYS C 135 25.43 -22.34 2.95
CA LYS C 135 26.55 -21.91 2.10
C LYS C 135 27.77 -21.78 2.98
N VAL C 136 28.95 -22.06 2.43
CA VAL C 136 30.17 -21.93 3.22
C VAL C 136 31.25 -21.18 2.47
N VAL C 137 32.18 -20.64 3.26
CA VAL C 137 33.44 -20.10 2.78
C VAL C 137 34.53 -21.00 3.35
N ALA C 138 35.46 -21.42 2.50
CA ALA C 138 36.60 -22.21 2.96
C ALA C 138 37.92 -21.53 2.60
N TYR C 139 38.98 -21.93 3.28
CA TYR C 139 40.30 -21.32 3.11
C TYR C 139 41.30 -22.43 2.85
N LYS C 140 41.91 -22.40 1.67
CA LYS C 140 42.85 -23.45 1.29
C LYS C 140 43.77 -22.93 0.20
N PRO C 141 44.91 -22.37 0.60
CA PRO C 141 45.85 -21.87 -0.40
C PRO C 141 46.28 -22.97 -1.34
N LEU C 142 46.39 -22.63 -2.63
CA LEU C 142 46.92 -23.53 -3.62
C LEU C 142 48.39 -23.82 -3.33
N ASP D 6 -25.89 -9.54 29.25
CA ASP D 6 -25.68 -9.60 30.70
C ASP D 6 -24.87 -10.83 31.09
N ASN D 7 -25.39 -12.01 30.75
CA ASN D 7 -24.71 -13.27 31.02
C ASN D 7 -24.16 -13.89 29.73
N SER D 8 -24.02 -13.07 28.69
CA SER D 8 -23.64 -13.60 27.39
C SER D 8 -22.16 -13.99 27.34
N ALA D 9 -21.33 -13.32 28.15
CA ALA D 9 -19.89 -13.62 28.19
C ALA D 9 -19.56 -14.57 29.32
N LYS D 10 -18.65 -15.50 29.10
CA LYS D 10 -18.20 -16.36 30.19
C LYS D 10 -16.69 -16.54 30.29
N LEU D 11 -16.14 -16.22 31.47
CA LEU D 11 -14.81 -16.66 31.85
C LEU D 11 -14.91 -18.04 32.49
N VAL D 12 -14.39 -19.06 31.81
CA VAL D 12 -14.57 -20.44 32.26
C VAL D 12 -13.59 -20.75 33.37
N GLU D 13 -14.14 -21.18 34.50
CA GLU D 13 -13.36 -21.48 35.70
C GLU D 13 -12.35 -22.60 35.45
N GLY D 14 -11.12 -22.41 35.89
CA GLY D 14 -10.14 -23.48 35.82
C GLY D 14 -9.42 -23.60 34.48
N LYS D 15 -9.75 -22.76 33.52
CA LYS D 15 -9.03 -22.75 32.26
C LYS D 15 -7.95 -21.67 32.30
N ALA D 16 -6.98 -21.76 31.40
CA ALA D 16 -5.94 -20.75 31.26
C ALA D 16 -6.60 -19.38 31.15
N LYS D 17 -6.10 -18.41 31.91
CA LYS D 17 -6.66 -17.06 31.91
C LYS D 17 -6.41 -16.42 30.54
N PRO D 18 -7.44 -15.77 29.96
CA PRO D 18 -7.22 -15.11 28.67
C PRO D 18 -6.08 -14.09 28.74
N MET D 19 -5.39 -13.91 27.62
N MET D 19 -5.38 -13.92 27.62
CA MET D 19 -4.19 -13.06 27.60
CA MET D 19 -4.20 -13.06 27.59
C MET D 19 -4.54 -11.58 27.57
C MET D 19 -4.55 -11.58 27.69
N GLY D 20 -5.83 -11.27 27.45
CA GLY D 20 -6.31 -9.90 27.52
C GLY D 20 -7.66 -9.82 28.23
N SER D 21 -8.26 -8.65 28.18
N SER D 21 -8.27 -8.65 28.19
CA SER D 21 -9.54 -8.42 28.86
CA SER D 21 -9.54 -8.42 28.86
C SER D 21 -10.71 -8.90 28.00
C SER D 21 -10.70 -8.90 27.99
N PHE D 22 -10.86 -10.22 27.90
CA PHE D 22 -11.95 -10.82 27.14
C PHE D 22 -12.30 -12.20 27.72
N PRO D 23 -13.52 -12.69 27.44
CA PRO D 23 -13.97 -14.00 27.94
C PRO D 23 -13.52 -15.15 27.04
N HIS D 24 -13.62 -16.39 27.52
CA HIS D 24 -13.36 -17.55 26.68
C HIS D 24 -14.42 -17.70 25.60
N VAL D 25 -15.66 -17.36 25.94
CA VAL D 25 -16.77 -17.59 25.01
C VAL D 25 -17.83 -16.51 25.18
N LYS D 26 -18.45 -16.13 24.07
CA LYS D 26 -19.43 -15.05 24.02
C LYS D 26 -20.63 -15.52 23.25
N ARG D 27 -21.81 -15.43 23.86
CA ARG D 27 -23.04 -15.74 23.14
C ARG D 27 -23.56 -14.53 22.37
N ALA D 28 -24.09 -14.80 21.18
CA ALA D 28 -24.77 -13.79 20.37
C ALA D 28 -25.99 -14.46 19.78
N GLY D 29 -27.15 -14.19 20.37
CA GLY D 29 -28.38 -14.84 19.96
C GLY D 29 -28.23 -16.35 20.14
N ASP D 30 -28.38 -17.08 19.04
CA ASP D 30 -28.24 -18.54 19.08
C ASP D 30 -26.80 -19.03 18.90
N PHE D 31 -25.86 -18.12 18.70
CA PHE D 31 -24.47 -18.47 18.40
C PHE D 31 -23.53 -18.31 19.60
N LEU D 32 -22.46 -19.11 19.60
CA LEU D 32 -21.37 -18.98 20.56
C LEU D 32 -20.06 -18.71 19.83
N PHE D 33 -19.36 -17.66 20.22
CA PHE D 33 -18.05 -17.36 19.66
C PHE D 33 -16.98 -17.71 20.69
N VAL D 34 -16.11 -18.66 20.37
CA VAL D 34 -15.04 -19.07 21.28
C VAL D 34 -13.72 -18.44 20.87
N SER D 35 -13.10 -17.74 21.81
CA SER D 35 -11.83 -17.08 21.60
C SER D 35 -10.78 -18.09 21.19
N GLY D 36 -9.82 -17.66 20.37
CA GLY D 36 -8.68 -18.50 20.00
C GLY D 36 -8.08 -19.22 21.20
N THR D 37 -7.87 -20.52 21.06
CA THR D 37 -7.50 -21.34 22.21
C THR D 37 -6.21 -22.09 21.93
N SER D 38 -5.32 -22.13 22.93
CA SER D 38 -4.02 -22.79 22.79
C SER D 38 -3.88 -23.94 23.78
N SER D 39 -2.70 -24.55 23.82
CA SER D 39 -2.42 -25.62 24.77
C SER D 39 -1.93 -25.11 26.12
N ARG D 40 -2.01 -23.80 26.34
CA ARG D 40 -1.49 -23.21 27.58
C ARG D 40 -2.29 -23.72 28.79
N ARG D 41 -1.58 -24.12 29.84
CA ARG D 41 -2.22 -24.63 31.07
C ARG D 41 -2.65 -23.50 31.99
N PRO D 42 -3.48 -23.82 33.00
CA PRO D 42 -3.89 -22.80 33.96
C PRO D 42 -2.71 -22.11 34.66
N ASP D 43 -1.59 -22.82 34.83
CA ASP D 43 -0.43 -22.23 35.51
C ASP D 43 0.51 -21.53 34.52
N ASN D 44 0.04 -21.43 33.27
CA ASN D 44 0.74 -20.69 32.22
C ASN D 44 2.02 -21.36 31.71
N THR D 45 2.19 -22.63 32.06
CA THR D 45 3.06 -23.50 31.29
C THR D 45 2.29 -24.01 30.07
N PHE D 46 2.93 -24.80 29.21
CA PHE D 46 2.29 -25.25 27.97
C PHE D 46 2.30 -26.77 27.82
N VAL D 47 1.15 -27.36 27.51
CA VAL D 47 1.15 -28.75 27.06
C VAL D 47 1.79 -28.84 25.68
N GLY D 48 2.61 -29.86 25.45
CA GLY D 48 3.18 -30.06 24.13
C GLY D 48 4.30 -29.12 23.73
N ALA D 49 5.09 -28.66 24.69
CA ALA D 49 6.29 -27.90 24.35
C ALA D 49 7.33 -28.09 25.44
N GLU D 50 7.53 -29.34 25.83
CA GLU D 50 8.54 -29.68 26.81
C GLU D 50 9.92 -29.21 26.37
N PRO D 51 10.64 -28.51 27.27
CA PRO D 51 12.02 -28.10 27.00
C PRO D 51 12.95 -29.30 26.83
N ASP D 52 13.94 -29.20 25.95
CA ASP D 52 14.94 -30.25 25.85
C ASP D 52 16.06 -30.03 26.87
N ASP D 53 17.14 -30.80 26.74
CA ASP D 53 18.26 -30.75 27.69
C ASP D 53 18.78 -29.34 27.90
N THR D 54 18.75 -28.53 26.84
CA THR D 54 19.30 -27.19 26.86
C THR D 54 18.29 -26.18 27.40
N GLY D 55 17.08 -26.64 27.67
CA GLY D 55 16.03 -25.76 28.15
C GLY D 55 15.22 -25.15 27.02
N ARG D 56 15.51 -25.56 25.80
N ARG D 56 15.50 -25.58 25.80
CA ARG D 56 14.78 -25.06 24.63
CA ARG D 56 14.79 -25.09 24.63
C ARG D 56 13.50 -25.86 24.42
C ARG D 56 13.49 -25.87 24.44
N PRO D 57 12.36 -25.16 24.39
CA PRO D 57 11.06 -25.80 24.16
C PRO D 57 11.06 -26.59 22.86
N ARG D 58 10.42 -27.75 22.88
CA ARG D 58 10.26 -28.57 21.68
C ARG D 58 8.78 -28.75 21.39
N PRO D 59 8.19 -27.86 20.59
CA PRO D 59 6.76 -27.95 20.32
C PRO D 59 6.39 -29.25 19.65
N ASN D 60 5.23 -29.79 20.02
CA ASN D 60 4.73 -31.04 19.51
C ASN D 60 3.33 -30.80 18.98
N ILE D 61 3.15 -30.74 17.66
CA ILE D 61 1.86 -30.37 17.10
C ILE D 61 0.75 -31.36 17.51
N GLU D 62 1.06 -32.64 17.58
CA GLU D 62 0.02 -33.60 17.95
C GLU D 62 -0.48 -33.34 19.37
N LEU D 63 0.44 -33.19 20.31
CA LEU D 63 0.06 -32.98 21.71
C LEU D 63 -0.67 -31.64 21.87
N GLN D 64 -0.20 -30.59 21.21
CA GLN D 64 -0.86 -29.29 21.32
C GLN D 64 -2.25 -29.30 20.72
N THR D 65 -2.42 -29.92 19.56
CA THR D 65 -3.71 -29.92 18.88
C THR D 65 -4.76 -30.66 19.69
N ARG D 66 -4.37 -31.81 20.24
CA ARG D 66 -5.31 -32.55 21.06
C ARG D 66 -5.71 -31.73 22.30
N GLU D 67 -4.75 -31.04 22.92
CA GLU D 67 -5.05 -30.24 24.11
C GLU D 67 -5.92 -29.04 23.74
N VAL D 68 -5.65 -28.45 22.58
CA VAL D 68 -6.47 -27.31 22.14
C VAL D 68 -7.94 -27.73 21.98
N ILE D 69 -8.19 -28.84 21.31
CA ILE D 69 -9.59 -29.22 21.06
C ILE D 69 -10.27 -29.62 22.35
N SER D 70 -9.53 -30.30 23.23
N SER D 70 -9.53 -30.30 23.25
CA SER D 70 -10.05 -30.68 24.54
CA SER D 70 -10.08 -30.69 24.54
C SER D 70 -10.46 -29.44 25.33
C SER D 70 -10.45 -29.45 25.35
N ASN D 71 -9.62 -28.40 25.26
CA ASN D 71 -9.91 -27.14 25.95
C ASN D 71 -11.15 -26.47 25.39
N ILE D 72 -11.26 -26.47 24.06
CA ILE D 72 -12.46 -25.94 23.41
C ILE D 72 -13.72 -26.73 23.83
N ARG D 73 -13.61 -28.03 23.93
CA ARG D 73 -14.72 -28.85 24.41
C ARG D 73 -15.13 -28.44 25.83
N ASP D 74 -14.14 -28.23 26.70
CA ASP D 74 -14.39 -27.81 28.08
C ASP D 74 -15.12 -26.48 28.13
N ILE D 75 -14.66 -25.55 27.31
CA ILE D 75 -15.25 -24.20 27.26
C ILE D 75 -16.70 -24.28 26.79
N LEU D 76 -16.95 -25.01 25.72
CA LEU D 76 -18.33 -25.19 25.25
C LEU D 76 -19.20 -25.86 26.31
N GLN D 77 -18.70 -26.90 26.95
CA GLN D 77 -19.50 -27.59 27.95
C GLN D 77 -19.87 -26.68 29.14
N SER D 78 -18.99 -25.73 29.47
N SER D 78 -18.98 -25.74 29.47
CA SER D 78 -19.28 -24.83 30.58
CA SER D 78 -19.25 -24.81 30.54
C SER D 78 -20.47 -23.92 30.29
C SER D 78 -20.52 -24.01 30.29
N VAL D 79 -20.85 -23.78 29.03
CA VAL D 79 -22.07 -23.03 28.69
C VAL D 79 -23.12 -23.94 28.05
N GLY D 80 -23.02 -25.24 28.31
CA GLY D 80 -24.09 -26.16 27.96
C GLY D 80 -24.04 -26.67 26.52
N ALA D 81 -22.93 -26.41 25.83
CA ALA D 81 -22.77 -26.90 24.46
C ALA D 81 -21.71 -28.00 24.40
N ASP D 82 -21.51 -28.56 23.22
N ASP D 82 -21.46 -28.53 23.21
CA ASP D 82 -20.47 -29.57 23.05
CA ASP D 82 -20.44 -29.55 23.05
C ASP D 82 -19.89 -29.48 21.63
C ASP D 82 -19.85 -29.45 21.65
N LEU D 83 -18.89 -30.31 21.34
CA LEU D 83 -18.22 -30.24 20.05
C LEU D 83 -19.18 -30.43 18.87
N GLY D 84 -20.26 -31.17 19.10
CA GLY D 84 -21.29 -31.36 18.11
C GLY D 84 -21.97 -30.07 17.63
N ASP D 85 -21.86 -29.01 18.44
CA ASP D 85 -22.49 -27.75 18.10
C ASP D 85 -21.57 -26.83 17.27
N VAL D 86 -20.32 -27.23 17.12
CA VAL D 86 -19.36 -26.42 16.37
C VAL D 86 -19.73 -26.38 14.89
N VAL D 87 -19.78 -25.19 14.31
CA VAL D 87 -20.12 -25.08 12.88
C VAL D 87 -19.03 -24.47 12.02
N GLU D 88 -18.10 -23.75 12.65
CA GLU D 88 -16.95 -23.23 11.91
C GLU D 88 -15.67 -23.35 12.74
N VAL D 89 -14.62 -23.85 12.12
CA VAL D 89 -13.32 -24.02 12.74
C VAL D 89 -12.29 -23.22 11.98
N CYS D 90 -11.61 -22.31 12.67
CA CYS D 90 -10.48 -21.61 12.06
C CYS D 90 -9.20 -21.97 12.81
N SER D 91 -8.28 -22.63 12.10
CA SER D 91 -7.04 -23.11 12.70
C SER D 91 -5.83 -22.35 12.21
N TYR D 92 -4.99 -21.93 13.16
CA TYR D 92 -3.81 -21.14 12.85
C TYR D 92 -2.55 -21.93 13.24
N LEU D 93 -1.84 -22.46 12.22
CA LEU D 93 -0.54 -23.06 12.42
C LEU D 93 0.55 -21.97 12.35
N VAL D 94 1.80 -22.36 12.59
CA VAL D 94 2.92 -21.47 12.29
C VAL D 94 3.82 -22.07 11.20
N ASN D 95 3.65 -23.35 10.92
CA ASN D 95 4.40 -23.96 9.83
C ASN D 95 3.62 -25.12 9.23
N MET D 96 3.53 -25.13 7.91
CA MET D 96 2.68 -26.10 7.23
C MET D 96 3.28 -27.49 7.26
N ASN D 97 4.52 -27.60 7.68
CA ASN D 97 5.09 -28.94 7.85
C ASN D 97 4.42 -29.64 9.04
N ASP D 98 3.64 -28.89 9.81
CA ASP D 98 2.87 -29.47 10.93
C ASP D 98 1.46 -29.88 10.51
N PHE D 99 1.11 -29.61 9.27
CA PHE D 99 -0.28 -29.75 8.80
C PHE D 99 -0.81 -31.18 8.87
N ALA D 100 -0.03 -32.14 8.38
CA ALA D 100 -0.53 -33.53 8.33
C ALA D 100 -0.87 -34.05 9.72
N ALA D 101 0.03 -33.83 10.68
CA ALA D 101 -0.18 -34.32 12.05
C ALA D 101 -1.31 -33.60 12.73
N TYR D 102 -1.44 -32.30 12.47
CA TYR D 102 -2.56 -31.55 13.02
C TYR D 102 -3.88 -32.08 12.45
N ASN D 103 -3.89 -32.39 11.17
CA ASN D 103 -5.12 -32.86 10.53
C ASN D 103 -5.54 -34.22 11.06
N LYS D 104 -4.55 -35.06 11.36
CA LYS D 104 -4.85 -36.38 11.90
C LYS D 104 -5.52 -36.25 13.26
N VAL D 105 -5.00 -35.36 14.10
CA VAL D 105 -5.64 -35.17 15.40
C VAL D 105 -7.03 -34.58 15.23
N TYR D 106 -7.17 -33.61 14.32
CA TYR D 106 -8.48 -33.02 14.11
C TYR D 106 -9.54 -34.06 13.79
N ALA D 107 -9.19 -35.03 12.96
CA ALA D 107 -10.13 -36.05 12.51
C ALA D 107 -10.51 -37.04 13.59
N GLU D 108 -9.74 -37.08 14.67
CA GLU D 108 -10.10 -37.90 15.83
C GLU D 108 -11.29 -37.32 16.59
N PHE D 109 -11.55 -36.03 16.40
CA PHE D 109 -12.63 -35.33 17.12
C PHE D 109 -13.84 -35.04 16.23
N PHE D 110 -13.58 -34.62 15.00
CA PHE D 110 -14.64 -34.12 14.12
C PHE D 110 -14.83 -34.94 12.85
N ASP D 111 -16.07 -35.04 12.41
CA ASP D 111 -16.40 -35.45 11.05
C ASP D 111 -15.86 -34.42 10.06
N ALA D 112 -15.34 -34.89 8.93
CA ALA D 112 -14.83 -34.01 7.87
C ALA D 112 -15.95 -33.25 7.15
N THR D 113 -17.16 -33.76 7.21
CA THR D 113 -18.31 -33.09 6.61
C THR D 113 -19.16 -32.50 7.72
N GLY D 114 -18.53 -32.25 8.86
CA GLY D 114 -19.21 -31.63 9.97
C GLY D 114 -19.04 -30.14 9.81
N PRO D 115 -18.26 -29.53 10.71
CA PRO D 115 -18.11 -28.08 10.66
C PRO D 115 -17.28 -27.63 9.46
N ALA D 116 -17.53 -26.40 9.03
CA ALA D 116 -16.72 -25.77 8.01
C ALA D 116 -15.35 -25.53 8.65
N ARG D 117 -14.29 -25.59 7.85
CA ARG D 117 -12.95 -25.43 8.39
C ARG D 117 -12.00 -24.67 7.47
N THR D 118 -11.13 -23.87 8.07
CA THR D 118 -10.08 -23.15 7.34
C THR D 118 -8.81 -23.28 8.15
N THR D 119 -7.71 -23.62 7.48
CA THR D 119 -6.42 -23.78 8.16
C THR D 119 -5.34 -22.98 7.41
N VAL D 120 -4.68 -22.06 8.11
CA VAL D 120 -3.57 -21.31 7.49
C VAL D 120 -2.41 -21.28 8.47
N ALA D 121 -1.22 -20.97 7.98
CA ALA D 121 -0.08 -20.72 8.84
C ALA D 121 0.13 -19.22 8.95
N VAL D 122 0.12 -18.70 10.18
CA VAL D 122 0.30 -17.29 10.44
C VAL D 122 1.79 -17.02 10.69
N HIS D 123 2.16 -15.74 10.73
CA HIS D 123 3.56 -15.38 10.94
C HIS D 123 3.98 -15.70 12.37
N GLN D 124 3.16 -15.28 13.32
CA GLN D 124 3.37 -15.64 14.72
C GLN D 124 2.07 -15.83 15.50
N LEU D 125 2.12 -16.71 16.49
CA LEU D 125 1.08 -16.82 17.51
C LEU D 125 1.55 -16.08 18.77
N PRO D 126 0.65 -15.83 19.73
CA PRO D 126 1.00 -14.93 20.86
C PRO D 126 2.08 -15.45 21.83
N HIS D 127 2.42 -16.74 21.80
CA HIS D 127 3.52 -17.30 22.58
C HIS D 127 4.38 -18.11 21.62
N PRO D 128 5.70 -18.04 21.79
CA PRO D 128 6.54 -18.66 20.77
C PRO D 128 6.58 -20.18 20.86
N GLN D 129 6.12 -20.76 21.97
CA GLN D 129 6.04 -22.21 22.17
C GLN D 129 4.88 -22.84 21.36
N LEU D 130 3.94 -22.02 20.91
CA LEU D 130 2.73 -22.54 20.27
C LEU D 130 2.98 -22.94 18.81
N VAL D 131 2.39 -24.06 18.39
CA VAL D 131 2.35 -24.40 16.96
C VAL D 131 0.92 -24.52 16.43
N ILE D 132 -0.06 -24.24 17.28
CA ILE D 132 -1.48 -24.29 16.87
C ILE D 132 -2.34 -23.47 17.80
N GLU D 133 -3.27 -22.73 17.22
CA GLU D 133 -4.33 -22.07 17.99
C GLU D 133 -5.62 -22.19 17.17
N ILE D 134 -6.74 -22.47 17.83
CA ILE D 134 -7.99 -22.68 17.12
C ILE D 134 -9.12 -21.81 17.67
N LYS D 135 -9.86 -21.15 16.80
CA LYS D 135 -11.06 -20.42 17.23
C LYS D 135 -12.26 -21.09 16.58
N VAL D 136 -13.37 -21.18 17.30
CA VAL D 136 -14.55 -21.79 16.72
C VAL D 136 -15.79 -20.94 16.91
N VAL D 137 -16.75 -21.17 16.04
CA VAL D 137 -18.10 -20.64 16.17
C VAL D 137 -19.01 -21.84 16.34
N ALA D 138 -19.90 -21.79 17.32
CA ALA D 138 -20.86 -22.87 17.52
C ALA D 138 -22.26 -22.34 17.49
N TYR D 139 -23.21 -23.24 17.30
CA TYR D 139 -24.61 -22.91 17.14
C TYR D 139 -25.40 -23.72 18.13
N LYS D 140 -26.07 -23.03 19.04
CA LYS D 140 -26.79 -23.69 20.11
C LYS D 140 -27.83 -22.74 20.68
N PRO D 141 -29.04 -22.75 20.11
CA PRO D 141 -30.12 -21.89 20.62
C PRO D 141 -30.38 -22.18 22.09
N LEU D 142 -30.78 -21.16 22.86
CA LEU D 142 -31.17 -21.39 24.26
C LEU D 142 -32.56 -22.00 24.30
N PHE E 22 -14.72 -31.42 -2.68
CA PHE E 22 -14.89 -29.98 -2.63
C PHE E 22 -15.01 -29.49 -1.18
N PRO E 23 -14.60 -28.23 -0.93
CA PRO E 23 -14.77 -27.67 0.43
C PRO E 23 -16.22 -27.73 0.87
N HIS E 24 -16.41 -27.94 2.17
CA HIS E 24 -17.69 -28.26 2.74
C HIS E 24 -18.40 -26.98 3.21
N VAL E 25 -19.73 -26.98 3.15
CA VAL E 25 -20.52 -25.89 3.71
C VAL E 25 -21.39 -26.44 4.84
N LYS E 26 -21.55 -25.64 5.89
CA LYS E 26 -22.30 -26.06 7.08
C LYS E 26 -23.37 -25.05 7.38
N ARG E 27 -24.64 -25.47 7.41
CA ARG E 27 -25.69 -24.55 7.83
C ARG E 27 -25.82 -24.50 9.34
N ALA E 28 -26.13 -23.30 9.83
CA ALA E 28 -26.36 -23.05 11.24
C ALA E 28 -27.44 -21.99 11.33
N GLY E 29 -28.66 -22.41 11.63
CA GLY E 29 -29.78 -21.48 11.61
C GLY E 29 -29.93 -20.92 10.20
N ASP E 30 -29.97 -19.60 10.09
CA ASP E 30 -30.10 -18.91 8.80
C ASP E 30 -28.77 -18.74 8.08
N PHE E 31 -27.68 -19.16 8.69
CA PHE E 31 -26.36 -18.89 8.13
C PHE E 31 -25.73 -20.11 7.49
N LEU E 32 -24.85 -19.84 6.53
CA LEU E 32 -24.05 -20.86 5.89
C LEU E 32 -22.57 -20.51 6.05
N PHE E 33 -21.81 -21.43 6.60
CA PHE E 33 -20.36 -21.25 6.75
C PHE E 33 -19.65 -22.08 5.72
N VAL E 34 -18.87 -21.43 4.86
CA VAL E 34 -18.19 -22.14 3.79
C VAL E 34 -16.72 -22.31 4.15
N SER E 35 -16.24 -23.55 4.10
CA SER E 35 -14.83 -23.83 4.35
C SER E 35 -13.93 -23.02 3.44
N GLY E 36 -12.72 -22.70 3.93
CA GLY E 36 -11.74 -21.98 3.12
C GLY E 36 -11.54 -22.73 1.82
N THR E 37 -11.60 -21.99 0.72
CA THR E 37 -11.67 -22.59 -0.62
C THR E 37 -10.50 -22.14 -1.49
N SER E 38 -9.86 -23.09 -2.15
CA SER E 38 -8.71 -22.80 -3.02
C SER E 38 -9.05 -23.19 -4.45
N SER E 39 -8.07 -23.02 -5.34
CA SER E 39 -8.26 -23.39 -6.74
C SER E 39 -7.91 -24.85 -7.01
N ARG E 40 -7.64 -25.61 -5.96
CA ARG E 40 -7.31 -27.04 -6.10
C ARG E 40 -8.55 -27.84 -6.54
N ARG E 41 -8.37 -28.74 -7.51
CA ARG E 41 -9.42 -29.65 -7.96
C ARG E 41 -9.52 -30.90 -7.07
N PRO E 42 -10.63 -31.62 -7.17
CA PRO E 42 -10.75 -32.90 -6.46
C PRO E 42 -9.63 -33.90 -6.76
N ASP E 43 -8.98 -33.81 -7.93
CA ASP E 43 -7.91 -34.75 -8.28
C ASP E 43 -6.52 -34.22 -7.86
N ASN E 44 -6.54 -33.18 -7.03
CA ASN E 44 -5.34 -32.61 -6.43
C ASN E 44 -4.50 -31.76 -7.36
N THR E 45 -4.96 -31.58 -8.60
CA THR E 45 -4.33 -30.64 -9.50
C THR E 45 -4.82 -29.23 -9.17
N PHE E 46 -4.16 -28.23 -9.74
CA PHE E 46 -4.47 -26.85 -9.39
C PHE E 46 -4.87 -26.04 -10.61
N VAL E 47 -5.95 -25.27 -10.48
CA VAL E 47 -6.23 -24.26 -11.49
C VAL E 47 -5.30 -23.06 -11.20
N GLY E 48 -4.63 -22.56 -12.23
CA GLY E 48 -3.86 -21.35 -12.08
C GLY E 48 -2.50 -21.49 -11.42
N ALA E 49 -1.84 -22.62 -11.66
CA ALA E 49 -0.46 -22.76 -11.21
C ALA E 49 0.31 -23.61 -12.20
N GLU E 50 0.21 -23.26 -13.48
CA GLU E 50 0.78 -24.08 -14.54
C GLU E 50 2.29 -24.17 -14.39
N PRO E 51 2.81 -25.41 -14.40
CA PRO E 51 4.26 -25.67 -14.31
C PRO E 51 5.07 -25.23 -15.54
N ASP E 52 6.24 -24.64 -15.34
CA ASP E 52 7.11 -24.34 -16.47
C ASP E 52 7.80 -25.63 -16.95
N ASP E 53 8.62 -25.51 -18.00
CA ASP E 53 9.27 -26.69 -18.59
C ASP E 53 10.23 -27.31 -17.59
N THR E 54 10.59 -26.54 -16.56
CA THR E 54 11.46 -26.99 -15.48
C THR E 54 10.67 -27.78 -14.45
N GLY E 55 9.34 -27.64 -14.49
CA GLY E 55 8.45 -28.34 -13.58
C GLY E 55 7.99 -27.47 -12.41
N ARG E 56 8.56 -26.26 -12.34
N ARG E 56 8.57 -26.28 -12.32
CA ARG E 56 8.23 -25.32 -11.27
CA ARG E 56 8.24 -25.35 -11.24
C ARG E 56 6.88 -24.64 -11.53
C ARG E 56 6.91 -24.63 -11.52
N PRO E 57 5.96 -24.73 -10.57
CA PRO E 57 4.64 -24.08 -10.72
C PRO E 57 4.76 -22.58 -10.89
N ARG E 58 3.87 -22.01 -11.68
N ARG E 58 3.89 -22.00 -11.71
CA ARG E 58 3.78 -20.57 -11.86
CA ARG E 58 3.80 -20.55 -11.85
C ARG E 58 2.42 -20.08 -11.40
C ARG E 58 2.43 -20.10 -11.40
N PRO E 59 2.26 -19.86 -10.08
CA PRO E 59 0.98 -19.43 -9.53
C PRO E 59 0.51 -18.12 -10.14
N ASN E 60 -0.76 -18.08 -10.52
CA ASN E 60 -1.35 -16.89 -11.15
C ASN E 60 -2.53 -16.41 -10.31
N ILE E 61 -2.38 -15.28 -9.63
CA ILE E 61 -3.40 -14.83 -8.70
C ILE E 61 -4.74 -14.54 -9.40
N GLU E 62 -4.69 -14.03 -10.62
CA GLU E 62 -5.93 -13.74 -11.36
C GLU E 62 -6.72 -15.03 -11.60
N LEU E 63 -6.07 -16.06 -12.15
CA LEU E 63 -6.75 -17.33 -12.41
C LEU E 63 -7.24 -17.98 -11.11
N GLN E 64 -6.42 -17.95 -10.07
CA GLN E 64 -6.79 -18.62 -8.82
C GLN E 64 -7.94 -17.91 -8.15
N THR E 65 -7.91 -16.59 -8.15
CA THR E 65 -8.97 -15.83 -7.47
C THR E 65 -10.32 -16.09 -8.18
N ARG E 66 -10.31 -16.05 -9.50
CA ARG E 66 -11.54 -16.27 -10.24
C ARG E 66 -12.07 -17.68 -9.99
N GLU E 67 -11.18 -18.67 -9.97
CA GLU E 67 -11.59 -20.05 -9.72
C GLU E 67 -12.10 -20.23 -8.29
N VAL E 68 -11.43 -19.60 -7.33
CA VAL E 68 -11.91 -19.71 -5.93
C VAL E 68 -13.32 -19.17 -5.78
N ILE E 69 -13.58 -18.00 -6.34
CA ILE E 69 -14.89 -17.39 -6.13
C ILE E 69 -15.94 -18.20 -6.89
N SER E 70 -15.57 -18.73 -8.06
N SER E 70 -15.56 -18.73 -8.06
CA SER E 70 -16.47 -19.60 -8.81
CA SER E 70 -16.44 -19.60 -8.82
C SER E 70 -16.76 -20.89 -8.03
C SER E 70 -16.75 -20.89 -8.04
N ASN E 71 -15.73 -21.42 -7.36
CA ASN E 71 -15.90 -22.63 -6.54
C ASN E 71 -16.84 -22.38 -5.37
N ILE E 72 -16.74 -21.21 -4.75
CA ILE E 72 -17.62 -20.84 -3.64
C ILE E 72 -19.04 -20.68 -4.15
N ARG E 73 -19.21 -20.07 -5.33
CA ARG E 73 -20.52 -20.01 -5.92
C ARG E 73 -21.13 -21.40 -6.12
N ASP E 74 -20.33 -22.34 -6.60
CA ASP E 74 -20.83 -23.70 -6.82
C ASP E 74 -21.27 -24.37 -5.51
N ILE E 75 -20.44 -24.22 -4.48
CA ILE E 75 -20.74 -24.78 -3.17
C ILE E 75 -22.03 -24.20 -2.64
N LEU E 76 -22.20 -22.88 -2.76
CA LEU E 76 -23.41 -22.24 -2.27
C LEU E 76 -24.62 -22.67 -3.10
N GLN E 77 -24.46 -22.83 -4.41
CA GLN E 77 -25.60 -23.25 -5.22
C GLN E 77 -26.05 -24.67 -4.84
N SER E 78 -25.13 -25.48 -4.34
CA SER E 78 -25.46 -26.84 -3.92
C SER E 78 -26.45 -26.85 -2.75
N VAL E 79 -26.52 -25.76 -1.99
CA VAL E 79 -27.46 -25.67 -0.88
C VAL E 79 -28.47 -24.53 -1.06
N GLY E 80 -28.73 -24.15 -2.31
CA GLY E 80 -29.81 -23.22 -2.61
C GLY E 80 -29.50 -21.75 -2.46
N ALA E 81 -28.23 -21.41 -2.29
CA ALA E 81 -27.82 -20.02 -2.13
C ALA E 81 -26.95 -19.57 -3.31
N ASP E 82 -26.56 -18.30 -3.33
CA ASP E 82 -25.66 -17.80 -4.36
C ASP E 82 -24.78 -16.66 -3.81
N LEU E 83 -23.95 -16.07 -4.67
CA LEU E 83 -22.98 -15.06 -4.17
C LEU E 83 -23.69 -13.84 -3.62
N GLY E 84 -24.95 -13.65 -4.04
CA GLY E 84 -25.75 -12.56 -3.53
C GLY E 84 -26.13 -12.74 -2.06
N ASP E 85 -25.87 -13.92 -1.53
CA ASP E 85 -26.22 -14.20 -0.14
C ASP E 85 -25.01 -14.11 0.77
N VAL E 86 -23.85 -13.86 0.19
CA VAL E 86 -22.62 -13.78 0.97
C VAL E 86 -22.61 -12.49 1.77
N VAL E 87 -22.20 -12.55 3.03
CA VAL E 87 -22.22 -11.35 3.88
C VAL E 87 -20.85 -11.06 4.50
N GLU E 88 -19.96 -12.05 4.57
CA GLU E 88 -18.59 -11.80 5.02
C GLU E 88 -17.58 -12.60 4.21
N VAL E 89 -16.57 -11.91 3.70
CA VAL E 89 -15.49 -12.55 2.98
C VAL E 89 -14.18 -12.36 3.75
N CYS E 90 -13.46 -13.45 3.98
CA CYS E 90 -12.13 -13.39 4.54
C CYS E 90 -11.15 -13.96 3.51
N SER E 91 -10.22 -13.15 3.03
CA SER E 91 -9.31 -13.58 1.97
C SER E 91 -7.89 -13.71 2.50
N TYR E 92 -7.26 -14.84 2.18
CA TYR E 92 -5.89 -15.12 2.61
C TYR E 92 -4.97 -15.23 1.40
N LEU E 93 -4.16 -14.18 1.21
CA LEU E 93 -3.10 -14.16 0.21
C LEU E 93 -1.83 -14.73 0.82
N VAL E 94 -0.77 -14.86 0.03
CA VAL E 94 0.55 -15.19 0.58
C VAL E 94 1.55 -14.08 0.32
N ASN E 95 1.28 -13.23 -0.66
N ASN E 95 1.18 -13.17 -0.58
CA ASN E 95 2.11 -12.04 -0.84
CA ASN E 95 2.06 -12.12 -1.08
C ASN E 95 1.26 -10.90 -1.33
C ASN E 95 1.24 -10.86 -1.42
N MET E 96 1.40 -9.76 -0.66
CA MET E 96 0.57 -8.57 -0.92
C MET E 96 0.83 -7.95 -2.28
N ASN E 97 1.92 -8.36 -2.95
CA ASN E 97 2.14 -7.88 -4.31
C ASN E 97 1.10 -8.46 -5.27
N ASP E 98 0.37 -9.47 -4.79
CA ASP E 98 -0.73 -10.06 -5.55
C ASP E 98 -2.06 -9.34 -5.32
N PHE E 99 -2.05 -8.35 -4.41
CA PHE E 99 -3.31 -7.70 -4.00
C PHE E 99 -4.08 -7.03 -5.15
N ALA E 100 -3.41 -6.21 -5.94
CA ALA E 100 -4.11 -5.43 -6.97
C ALA E 100 -4.90 -6.34 -7.93
N ALA E 101 -4.29 -7.43 -8.37
CA ALA E 101 -4.91 -8.32 -9.33
C ALA E 101 -6.06 -9.09 -8.69
N TYR E 102 -5.86 -9.54 -7.44
CA TYR E 102 -6.91 -10.19 -6.67
C TYR E 102 -8.11 -9.26 -6.51
N ASN E 103 -7.83 -8.02 -6.17
CA ASN E 103 -8.85 -6.99 -5.99
C ASN E 103 -9.71 -6.79 -7.25
N LYS E 104 -9.05 -6.80 -8.41
CA LYS E 104 -9.78 -6.61 -9.66
C LYS E 104 -10.71 -7.78 -9.93
N VAL E 105 -10.25 -9.00 -9.67
CA VAL E 105 -11.12 -10.16 -9.86
C VAL E 105 -12.29 -10.13 -8.88
N TYR E 106 -12.02 -9.79 -7.62
CA TYR E 106 -13.08 -9.66 -6.63
C TYR E 106 -14.23 -8.77 -7.15
N ALA E 107 -13.87 -7.67 -7.80
CA ALA E 107 -14.85 -6.71 -8.31
C ALA E 107 -15.69 -7.26 -9.47
N GLU E 108 -15.28 -8.40 -10.03
CA GLU E 108 -16.07 -9.05 -11.07
C GLU E 108 -17.32 -9.69 -10.47
N PHE E 109 -17.25 -10.03 -9.19
CA PHE E 109 -18.28 -10.82 -8.52
C PHE E 109 -19.07 -10.07 -7.45
N PHE E 110 -18.44 -9.11 -6.78
CA PHE E 110 -19.06 -8.39 -5.68
C PHE E 110 -18.93 -6.88 -5.84
N ASP E 111 -19.82 -6.14 -5.18
CA ASP E 111 -19.66 -4.70 -5.12
C ASP E 111 -19.95 -4.18 -3.71
N ALA E 112 -20.09 -2.86 -3.58
CA ALA E 112 -20.16 -2.25 -2.26
C ALA E 112 -21.52 -2.46 -1.59
N THR E 113 -22.46 -3.08 -2.30
CA THR E 113 -23.72 -3.48 -1.68
C THR E 113 -23.63 -4.91 -1.13
N GLY E 114 -22.49 -5.56 -1.40
CA GLY E 114 -22.27 -6.94 -0.99
C GLY E 114 -21.63 -7.16 0.37
N PRO E 115 -20.84 -8.23 0.51
CA PRO E 115 -20.29 -8.63 1.82
C PRO E 115 -19.20 -7.73 2.37
N ALA E 116 -19.07 -7.71 3.69
CA ALA E 116 -17.86 -7.17 4.33
C ALA E 116 -16.68 -8.00 3.87
N ARG E 117 -15.49 -7.40 3.83
CA ARG E 117 -14.33 -8.10 3.32
C ARG E 117 -13.10 -7.77 4.15
N THR E 118 -12.28 -8.79 4.42
CA THR E 118 -11.00 -8.61 5.11
C THR E 118 -9.97 -9.40 4.31
N THR E 119 -8.83 -8.79 4.06
CA THR E 119 -7.77 -9.42 3.27
C THR E 119 -6.42 -9.30 3.99
N VAL E 120 -5.76 -10.43 4.21
CA VAL E 120 -4.40 -10.45 4.79
C VAL E 120 -3.52 -11.41 4.01
N ALA E 121 -2.21 -11.28 4.13
CA ALA E 121 -1.35 -12.34 3.63
C ALA E 121 -0.88 -13.19 4.80
N VAL E 122 -0.98 -14.50 4.65
CA VAL E 122 -0.57 -15.43 5.69
C VAL E 122 0.86 -15.90 5.41
N HIS E 123 1.48 -16.54 6.39
CA HIS E 123 2.81 -17.12 6.18
C HIS E 123 2.79 -18.25 5.14
N GLN E 124 1.80 -19.14 5.22
CA GLN E 124 1.67 -20.23 4.25
C GLN E 124 0.22 -20.66 4.12
N LEU E 125 -0.15 -21.06 2.90
CA LEU E 125 -1.40 -21.78 2.69
C LEU E 125 -1.05 -23.26 2.63
N PRO E 126 -2.06 -24.15 2.59
CA PRO E 126 -1.76 -25.59 2.78
C PRO E 126 -0.97 -26.25 1.64
N HIS E 127 -0.90 -25.61 0.47
CA HIS E 127 -0.14 -26.13 -0.66
C HIS E 127 0.69 -25.00 -1.25
N PRO E 128 1.94 -25.30 -1.64
CA PRO E 128 2.84 -24.23 -2.09
C PRO E 128 2.43 -23.59 -3.42
N GLN E 129 1.57 -24.25 -4.19
CA GLN E 129 1.05 -23.70 -5.46
C GLN E 129 0.00 -22.59 -5.26
N LEU E 130 -0.53 -22.47 -4.06
CA LEU E 130 -1.65 -21.55 -3.82
C LEU E 130 -1.19 -20.13 -3.57
N VAL E 131 -1.92 -19.15 -4.11
CA VAL E 131 -1.66 -17.76 -3.75
C VAL E 131 -2.91 -17.09 -3.16
N ILE E 132 -4.02 -17.84 -3.07
CA ILE E 132 -5.22 -17.30 -2.45
C ILE E 132 -6.11 -18.42 -1.93
N GLU E 133 -6.71 -18.19 -0.77
CA GLU E 133 -7.81 -19.02 -0.26
C GLU E 133 -8.84 -18.07 0.34
N ILE E 134 -10.12 -18.38 0.14
CA ILE E 134 -11.16 -17.49 0.65
C ILE E 134 -12.17 -18.29 1.45
N LYS E 135 -12.51 -17.82 2.64
CA LYS E 135 -13.63 -18.41 3.38
C LYS E 135 -14.77 -17.38 3.46
N VAL E 136 -16.00 -17.84 3.35
CA VAL E 136 -17.12 -16.89 3.43
C VAL E 136 -18.19 -17.32 4.41
N VAL E 137 -18.97 -16.35 4.86
CA VAL E 137 -20.19 -16.60 5.59
C VAL E 137 -21.33 -16.08 4.72
N ALA E 138 -22.38 -16.87 4.54
CA ALA E 138 -23.54 -16.41 3.80
C ALA E 138 -24.81 -16.48 4.66
N TYR E 139 -25.82 -15.73 4.24
CA TYR E 139 -27.07 -15.62 4.96
C TYR E 139 -28.22 -15.95 4.01
N LYS E 140 -28.94 -17.01 4.34
CA LYS E 140 -30.04 -17.50 3.52
C LYS E 140 -31.02 -18.28 4.39
N PRO E 141 -32.02 -17.59 4.94
CA PRO E 141 -32.98 -18.34 5.76
C PRO E 141 -33.71 -19.38 4.91
N LEU E 142 -34.03 -20.52 5.52
CA LEU E 142 -34.74 -21.58 4.81
C LEU E 142 -36.20 -21.20 4.58
N ASP F 6 -30.61 -3.95 -0.55
CA ASP F 6 -31.41 -3.16 0.38
C ASP F 6 -30.53 -2.20 1.18
N ASN F 7 -30.84 -2.07 2.47
CA ASN F 7 -30.06 -1.21 3.34
C ASN F 7 -29.05 -2.00 4.18
N SER F 8 -28.81 -3.25 3.80
CA SER F 8 -27.97 -4.12 4.62
C SER F 8 -26.51 -3.68 4.60
N ALA F 9 -26.03 -3.15 3.47
CA ALA F 9 -24.62 -2.73 3.38
C ALA F 9 -24.49 -1.22 3.58
N LYS F 10 -23.41 -0.79 4.23
CA LYS F 10 -23.25 0.63 4.45
C LYS F 10 -21.82 1.12 4.25
N LEU F 11 -21.71 2.19 3.47
CA LEU F 11 -20.50 2.98 3.36
C LEU F 11 -20.61 4.18 4.29
N VAL F 12 -19.71 4.27 5.26
CA VAL F 12 -19.81 5.29 6.30
C VAL F 12 -19.10 6.56 5.88
N GLU F 13 -19.82 7.67 5.86
CA GLU F 13 -19.22 8.94 5.46
C GLU F 13 -18.15 9.38 6.46
N GLY F 14 -17.08 9.98 5.95
CA GLY F 14 -16.01 10.49 6.80
C GLY F 14 -14.99 9.43 7.17
N LYS F 15 -15.20 8.22 6.68
CA LYS F 15 -14.25 7.13 6.87
C LYS F 15 -13.44 6.87 5.60
N ALA F 16 -12.26 6.28 5.76
CA ALA F 16 -11.41 5.92 4.63
C ALA F 16 -12.20 5.04 3.66
N LYS F 17 -12.10 5.36 2.38
CA LYS F 17 -12.72 4.54 1.34
C LYS F 17 -12.10 3.15 1.36
N PRO F 18 -12.94 2.11 1.46
CA PRO F 18 -12.47 0.72 1.37
C PRO F 18 -11.60 0.50 0.13
N MET F 19 -10.59 -0.33 0.27
CA MET F 19 -9.62 -0.51 -0.81
C MET F 19 -10.10 -1.49 -1.88
N GLY F 20 -11.31 -2.03 -1.71
CA GLY F 20 -11.93 -2.85 -2.73
C GLY F 20 -13.41 -2.52 -2.82
N SER F 21 -14.15 -3.22 -3.66
CA SER F 21 -15.57 -2.91 -3.82
C SER F 21 -16.38 -3.64 -2.76
N PHE F 22 -16.32 -3.11 -1.54
CA PHE F 22 -17.06 -3.66 -0.41
C PHE F 22 -17.44 -2.56 0.56
N PRO F 23 -18.45 -2.81 1.41
CA PRO F 23 -18.92 -1.82 2.39
C PRO F 23 -18.12 -1.84 3.68
N HIS F 24 -18.25 -0.83 4.51
CA HIS F 24 -17.63 -0.82 5.83
C HIS F 24 -18.26 -1.87 6.75
N VAL F 25 -19.57 -2.04 6.60
CA VAL F 25 -20.32 -2.93 7.46
C VAL F 25 -21.50 -3.53 6.69
N LYS F 26 -21.79 -4.79 6.96
CA LYS F 26 -22.86 -5.52 6.30
C LYS F 26 -23.77 -6.16 7.33
N ARG F 27 -25.06 -5.87 7.28
CA ARG F 27 -26.01 -6.55 8.15
C ARG F 27 -26.45 -7.89 7.54
N ALA F 28 -26.63 -8.87 8.41
CA ALA F 28 -27.18 -10.16 8.05
C ALA F 28 -28.09 -10.62 9.18
N GLY F 29 -29.40 -10.52 8.96
CA GLY F 29 -30.34 -10.76 10.04
C GLY F 29 -30.02 -9.87 11.23
N ASP F 30 -29.72 -10.48 12.37
CA ASP F 30 -29.47 -9.72 13.59
C ASP F 30 -28.00 -9.32 13.73
N PHE F 31 -27.17 -9.75 12.78
CA PHE F 31 -25.72 -9.61 12.93
C PHE F 31 -25.19 -8.48 12.06
N LEU F 32 -24.06 -7.93 12.49
CA LEU F 32 -23.33 -6.94 11.71
C LEU F 32 -21.91 -7.43 11.51
N PHE F 33 -21.48 -7.48 10.26
CA PHE F 33 -20.11 -7.85 9.96
C PHE F 33 -19.34 -6.60 9.54
N VAL F 34 -18.33 -6.24 10.33
CA VAL F 34 -17.50 -5.08 10.00
C VAL F 34 -16.22 -5.52 9.30
N SER F 35 -16.00 -4.97 8.12
CA SER F 35 -14.82 -5.24 7.33
C SER F 35 -13.58 -4.91 8.13
N GLY F 36 -12.49 -5.63 7.86
CA GLY F 36 -11.21 -5.33 8.50
C GLY F 36 -10.88 -3.86 8.43
N THR F 37 -10.55 -3.26 9.58
CA THR F 37 -10.42 -1.82 9.69
C THR F 37 -9.03 -1.45 10.21
N SER F 38 -8.41 -0.46 9.57
CA SER F 38 -7.07 0.02 9.94
C SER F 38 -7.10 1.44 10.47
N SER F 39 -5.93 1.98 10.79
CA SER F 39 -5.85 3.37 11.26
C SER F 39 -5.81 4.39 10.11
N ARG F 40 -5.97 3.93 8.87
CA ARG F 40 -5.95 4.82 7.72
C ARG F 40 -7.05 5.89 7.77
N ARG F 41 -6.65 7.15 7.61
CA ARG F 41 -7.57 8.28 7.61
C ARG F 41 -8.27 8.41 6.26
N PRO F 42 -9.37 9.19 6.20
CA PRO F 42 -10.08 9.56 4.97
C PRO F 42 -9.17 10.09 3.88
N ASP F 43 -8.12 10.81 4.24
CA ASP F 43 -7.21 11.37 3.26
C ASP F 43 -6.05 10.41 2.95
N ASN F 44 -6.22 9.17 3.39
CA ASN F 44 -5.31 8.07 3.07
C ASN F 44 -3.93 8.15 3.71
N THR F 45 -3.76 9.09 4.63
CA THR F 45 -2.61 9.07 5.52
C THR F 45 -2.94 8.08 6.64
N PHE F 46 -1.99 7.84 7.53
CA PHE F 46 -2.21 6.83 8.57
C PHE F 46 -1.94 7.36 9.97
N VAL F 47 -2.94 7.27 10.83
CA VAL F 47 -2.70 7.52 12.25
C VAL F 47 -1.71 6.49 12.75
N GLY F 48 -0.71 6.94 13.50
CA GLY F 48 0.26 6.04 14.06
C GLY F 48 1.26 5.48 13.07
N ALA F 49 1.56 6.23 12.02
CA ALA F 49 2.69 5.87 11.17
C ALA F 49 3.29 7.11 10.54
N GLU F 50 3.42 8.16 11.34
CA GLU F 50 4.03 9.40 10.87
C GLU F 50 5.44 9.15 10.33
N PRO F 51 5.71 9.67 9.12
CA PRO F 51 7.06 9.61 8.56
C PRO F 51 8.06 10.31 9.47
N ASP F 52 9.25 9.73 9.63
CA ASP F 52 10.30 10.39 10.41
C ASP F 52 11.11 11.37 9.55
N ASP F 53 12.24 11.81 10.08
CA ASP F 53 13.12 12.79 9.43
C ASP F 53 13.46 12.43 7.98
N THR F 54 13.57 11.14 7.69
CA THR F 54 13.95 10.70 6.35
C THR F 54 12.74 10.40 5.47
N GLY F 55 11.54 10.57 6.01
CA GLY F 55 10.32 10.33 5.26
C GLY F 55 9.82 8.91 5.44
N ARG F 56 10.54 8.14 6.25
CA ARG F 56 10.18 6.75 6.49
C ARG F 56 9.11 6.63 7.56
N PRO F 57 7.99 5.98 7.23
CA PRO F 57 6.93 5.75 8.22
C PRO F 57 7.46 5.10 9.50
N ARG F 58 6.99 5.59 10.64
CA ARG F 58 7.34 5.00 11.93
C ARG F 58 6.08 4.47 12.61
N PRO F 59 5.73 3.22 12.31
CA PRO F 59 4.50 2.65 12.89
C PRO F 59 4.52 2.59 14.41
N ASN F 60 3.38 2.91 15.00
CA ASN F 60 3.22 2.94 16.45
C ASN F 60 1.97 2.13 16.76
N ILE F 61 2.14 0.93 17.34
CA ILE F 61 1.01 0.04 17.59
C ILE F 61 -0.02 0.64 18.55
N GLU F 62 0.42 1.40 19.54
CA GLU F 62 -0.53 1.98 20.48
C GLU F 62 -1.46 2.93 19.75
N LEU F 63 -0.87 3.85 18.98
CA LEU F 63 -1.67 4.85 18.26
C LEU F 63 -2.56 4.22 17.20
N GLN F 64 -2.04 3.23 16.48
CA GLN F 64 -2.86 2.57 15.46
C GLN F 64 -4.00 1.79 16.07
N THR F 65 -3.74 1.05 17.15
CA THR F 65 -4.78 0.23 17.77
C THR F 65 -5.92 1.12 18.28
N ARG F 66 -5.56 2.23 18.92
CA ARG F 66 -6.60 3.13 19.42
C ARG F 66 -7.46 3.69 18.27
N GLU F 67 -6.83 4.08 17.17
CA GLU F 67 -7.58 4.61 16.02
C GLU F 67 -8.43 3.52 15.37
N VAL F 68 -7.91 2.30 15.30
CA VAL F 68 -8.67 1.20 14.72
C VAL F 68 -9.98 0.99 15.49
N ILE F 69 -9.89 0.86 16.81
CA ILE F 69 -11.08 0.57 17.58
C ILE F 69 -12.01 1.79 17.53
N SER F 70 -11.43 2.98 17.52
CA SER F 70 -12.26 4.20 17.38
C SER F 70 -13.01 4.22 16.05
N ASN F 71 -12.34 3.83 14.97
CA ASN F 71 -12.98 3.74 13.66
C ASN F 71 -14.11 2.71 13.64
N ILE F 72 -13.86 1.57 14.26
CA ILE F 72 -14.88 0.53 14.31
C ILE F 72 -16.11 1.00 15.10
N ARG F 73 -15.85 1.71 16.19
N ARG F 73 -15.86 1.73 16.18
CA ARG F 73 -16.92 2.30 16.99
CA ARG F 73 -16.96 2.29 16.96
C ARG F 73 -17.77 3.28 16.16
C ARG F 73 -17.77 3.27 16.13
N ASP F 74 -17.09 4.13 15.38
CA ASP F 74 -17.79 5.10 14.52
C ASP F 74 -18.65 4.38 13.49
N ILE F 75 -18.10 3.32 12.93
CA ILE F 75 -18.81 2.53 11.92
C ILE F 75 -20.06 1.90 12.52
N LEU F 76 -19.93 1.26 13.69
CA LEU F 76 -21.10 0.68 14.33
C LEU F 76 -22.14 1.74 14.72
N GLN F 77 -21.66 2.85 15.28
N GLN F 77 -21.68 2.85 15.27
CA GLN F 77 -22.55 3.95 15.66
CA GLN F 77 -22.59 3.91 15.68
C GLN F 77 -23.39 4.42 14.48
C GLN F 77 -23.38 4.47 14.49
N SER F 78 -22.82 4.35 13.28
CA SER F 78 -23.50 4.83 12.09
C SER F 78 -24.70 3.97 11.73
N VAL F 79 -24.74 2.74 12.25
CA VAL F 79 -25.90 1.88 12.02
C VAL F 79 -26.62 1.54 13.32
N GLY F 80 -26.49 2.42 14.31
CA GLY F 80 -27.25 2.31 15.53
C GLY F 80 -26.77 1.26 16.51
N ALA F 81 -25.51 0.85 16.37
CA ALA F 81 -24.91 -0.13 17.26
C ALA F 81 -23.76 0.53 18.04
N ASP F 82 -23.15 -0.19 18.97
CA ASP F 82 -21.97 0.37 19.67
C ASP F 82 -21.02 -0.76 20.07
N LEU F 83 -19.92 -0.43 20.75
CA LEU F 83 -18.93 -1.46 21.02
C LEU F 83 -19.50 -2.49 22.01
N GLY F 84 -20.50 -2.09 22.79
CA GLY F 84 -21.20 -3.00 23.69
C GLY F 84 -21.89 -4.12 22.94
N ASP F 85 -22.04 -3.96 21.63
CA ASP F 85 -22.71 -4.95 20.80
C ASP F 85 -21.74 -5.91 20.13
N VAL F 86 -20.44 -5.67 20.25
CA VAL F 86 -19.48 -6.53 19.55
C VAL F 86 -19.43 -7.89 20.24
N VAL F 87 -19.33 -8.97 19.46
CA VAL F 87 -19.32 -10.30 20.06
C VAL F 87 -18.11 -11.12 19.63
N GLU F 88 -17.47 -10.74 18.52
CA GLU F 88 -16.21 -11.40 18.13
C GLU F 88 -15.23 -10.40 17.56
N VAL F 89 -14.01 -10.41 18.10
CA VAL F 89 -12.93 -9.56 17.61
C VAL F 89 -11.83 -10.44 17.04
N CYS F 90 -11.43 -10.18 15.80
CA CYS F 90 -10.29 -10.86 15.21
C CYS F 90 -9.22 -9.82 14.90
N SER F 91 -8.06 -9.94 15.54
CA SER F 91 -7.02 -8.92 15.42
C SER F 91 -5.82 -9.46 14.65
N TYR F 92 -5.37 -8.70 13.67
CA TYR F 92 -4.24 -9.10 12.85
C TYR F 92 -3.08 -8.12 13.03
N LEU F 93 -2.08 -8.56 13.79
CA LEU F 93 -0.81 -7.85 13.94
C LEU F 93 0.11 -8.23 12.80
N VAL F 94 1.29 -7.62 12.73
CA VAL F 94 2.33 -8.12 11.80
C VAL F 94 3.58 -8.54 12.56
N ASN F 95 3.64 -8.18 13.85
CA ASN F 95 4.82 -8.42 14.66
C ASN F 95 4.37 -8.62 16.10
N MET F 96 4.56 -9.83 16.64
CA MET F 96 4.10 -10.13 18.00
C MET F 96 4.81 -9.31 19.06
N ASN F 97 5.88 -8.61 18.71
CA ASN F 97 6.53 -7.76 19.69
C ASN F 97 5.66 -6.55 20.01
N ASP F 98 4.66 -6.35 19.16
CA ASP F 98 3.68 -5.29 19.34
C ASP F 98 2.53 -5.71 20.25
N PHE F 99 2.55 -6.95 20.72
CA PHE F 99 1.39 -7.49 21.45
C PHE F 99 1.02 -6.73 22.70
N ALA F 100 1.99 -6.48 23.57
CA ALA F 100 1.71 -5.92 24.89
C ALA F 100 1.03 -4.54 24.78
N ALA F 101 1.54 -3.70 23.89
CA ALA F 101 0.96 -2.36 23.73
C ALA F 101 -0.44 -2.41 23.11
N TYR F 102 -0.60 -3.26 22.09
CA TYR F 102 -1.91 -3.52 21.50
C TYR F 102 -2.89 -3.98 22.58
N ASN F 103 -2.42 -4.90 23.41
CA ASN F 103 -3.26 -5.50 24.44
C ASN F 103 -3.75 -4.46 25.44
N LYS F 104 -2.86 -3.55 25.83
CA LYS F 104 -3.19 -2.48 26.78
C LYS F 104 -4.25 -1.55 26.16
N VAL F 105 -4.13 -1.24 24.88
CA VAL F 105 -5.12 -0.37 24.25
C VAL F 105 -6.46 -1.10 24.16
N TYR F 106 -6.43 -2.39 23.84
CA TYR F 106 -7.67 -3.17 23.75
C TYR F 106 -8.49 -3.03 25.04
N ALA F 107 -7.80 -3.08 26.18
CA ALA F 107 -8.48 -2.97 27.48
C ALA F 107 -9.11 -1.60 27.73
N GLU F 108 -8.73 -0.59 26.94
CA GLU F 108 -9.37 0.73 27.06
C GLU F 108 -10.80 0.73 26.53
N PHE F 109 -11.10 -0.27 25.70
CA PHE F 109 -12.38 -0.29 24.98
C PHE F 109 -13.27 -1.47 25.31
N PHE F 110 -12.67 -2.58 25.70
CA PHE F 110 -13.42 -3.82 25.92
C PHE F 110 -13.03 -4.44 27.26
N ASP F 111 -13.91 -5.27 27.81
CA ASP F 111 -13.54 -6.04 28.99
C ASP F 111 -14.05 -7.47 28.91
N ALA F 112 -13.91 -8.22 29.99
CA ALA F 112 -14.20 -9.65 29.97
C ALA F 112 -15.69 -9.96 29.89
N THR F 113 -16.53 -8.94 29.92
CA THR F 113 -17.96 -9.13 29.66
C THR F 113 -18.28 -8.88 28.16
N GLY F 114 -17.25 -8.50 27.40
CA GLY F 114 -17.43 -8.15 26.00
C GLY F 114 -17.14 -9.31 25.04
N PRO F 115 -16.58 -9.00 23.86
CA PRO F 115 -16.51 -10.03 22.82
C PRO F 115 -15.38 -11.04 23.00
N ALA F 116 -15.55 -12.21 22.39
CA ALA F 116 -14.45 -13.16 22.21
C ALA F 116 -13.34 -12.49 21.39
N ARG F 117 -12.10 -12.89 21.61
CA ARG F 117 -10.99 -12.26 20.90
C ARG F 117 -9.95 -13.28 20.45
N THR F 118 -9.46 -13.09 19.23
CA THR F 118 -8.40 -13.92 18.68
C THR F 118 -7.39 -12.97 18.06
N THR F 119 -6.12 -13.19 18.36
CA THR F 119 -5.03 -12.31 17.92
C THR F 119 -3.90 -13.12 17.31
N VAL F 120 -3.56 -12.82 16.06
CA VAL F 120 -2.42 -13.47 15.40
C VAL F 120 -1.61 -12.42 14.65
N ALA F 121 -0.35 -12.74 14.35
CA ALA F 121 0.42 -11.87 13.47
C ALA F 121 0.41 -12.50 12.09
N VAL F 122 -0.01 -11.73 11.09
CA VAL F 122 0.02 -12.19 9.70
C VAL F 122 1.33 -11.82 9.01
N HIS F 123 1.54 -12.38 7.81
CA HIS F 123 2.73 -12.07 7.03
C HIS F 123 2.73 -10.60 6.61
N GLN F 124 1.62 -10.15 6.03
CA GLN F 124 1.47 -8.75 5.61
C GLN F 124 0.03 -8.26 5.72
N LEU F 125 -0.14 -6.97 6.02
CA LEU F 125 -1.44 -6.33 5.85
C LEU F 125 -1.41 -5.55 4.53
N PRO F 126 -2.56 -5.02 4.09
CA PRO F 126 -2.65 -4.42 2.73
C PRO F 126 -1.83 -3.14 2.51
N HIS F 127 -1.37 -2.48 3.57
CA HIS F 127 -0.43 -1.36 3.43
C HIS F 127 0.76 -1.63 4.34
N PRO F 128 1.97 -1.29 3.88
CA PRO F 128 3.17 -1.67 4.64
C PRO F 128 3.33 -0.91 5.96
N GLN F 129 2.65 0.23 6.10
CA GLN F 129 2.74 1.04 7.32
C GLN F 129 1.87 0.52 8.47
N LEU F 130 0.98 -0.41 8.16
CA LEU F 130 0.05 -0.91 9.18
C LEU F 130 0.71 -1.93 10.09
N VAL F 131 0.42 -1.85 11.38
CA VAL F 131 0.82 -2.90 12.32
C VAL F 131 -0.37 -3.56 13.00
N ILE F 132 -1.59 -3.16 12.63
CA ILE F 132 -2.79 -3.79 13.18
C ILE F 132 -3.97 -3.54 12.25
N GLU F 133 -4.79 -4.58 12.08
CA GLU F 133 -6.08 -4.44 11.44
C GLU F 133 -7.03 -5.35 12.19
N ILE F 134 -8.26 -4.89 12.42
CA ILE F 134 -9.22 -5.65 13.21
C ILE F 134 -10.55 -5.79 12.48
N LYS F 135 -11.08 -7.01 12.51
CA LYS F 135 -12.38 -7.34 11.93
C LYS F 135 -13.29 -7.71 13.08
N VAL F 136 -14.53 -7.22 13.08
CA VAL F 136 -15.42 -7.62 14.17
C VAL F 136 -16.76 -8.10 13.67
N VAL F 137 -17.41 -8.89 14.51
CA VAL F 137 -18.80 -9.31 14.33
C VAL F 137 -19.58 -8.68 15.48
N ALA F 138 -20.70 -8.04 15.19
CA ALA F 138 -21.53 -7.46 16.23
C ALA F 138 -22.93 -8.07 16.16
N TYR F 139 -23.66 -7.98 17.26
CA TYR F 139 -25.01 -8.52 17.32
C TYR F 139 -25.97 -7.43 17.79
N LYS F 140 -26.90 -7.07 16.92
CA LYS F 140 -27.84 -5.97 17.18
C LYS F 140 -29.12 -6.18 16.39
N PRO F 141 -30.09 -6.89 16.97
CA PRO F 141 -31.37 -7.09 16.29
C PRO F 141 -32.03 -5.76 15.96
N LEU F 142 -32.64 -5.65 14.78
CA LEU F 142 -33.39 -4.44 14.43
C LEU F 142 -34.62 -4.29 15.31
N SER G 8 -7.16 7.72 -13.39
CA SER G 8 -7.05 9.08 -12.85
C SER G 8 -8.43 9.71 -12.65
N ALA G 9 -9.44 9.12 -13.28
CA ALA G 9 -10.82 9.55 -13.06
C ALA G 9 -11.44 8.68 -11.96
N LYS G 10 -12.39 9.24 -11.22
CA LYS G 10 -12.98 8.50 -10.11
C LYS G 10 -14.48 8.73 -9.93
N LEU G 11 -15.27 7.67 -10.15
CA LEU G 11 -16.65 7.65 -9.72
C LEU G 11 -16.66 7.36 -8.22
N VAL G 12 -17.43 8.12 -7.47
CA VAL G 12 -17.24 8.17 -6.02
C VAL G 12 -18.39 7.64 -5.17
N GLU G 13 -18.05 6.81 -4.19
CA GLU G 13 -18.86 6.63 -2.99
C GLU G 13 -20.30 6.16 -3.13
N GLY G 14 -21.16 6.86 -2.40
CA GLY G 14 -22.59 6.81 -2.60
C GLY G 14 -22.96 8.27 -2.79
N LYS G 15 -22.21 8.95 -3.65
CA LYS G 15 -22.51 10.33 -4.01
C LYS G 15 -23.42 10.36 -5.25
N ALA G 16 -24.17 11.44 -5.40
CA ALA G 16 -25.09 11.58 -6.53
C ALA G 16 -24.37 11.38 -7.86
N LYS G 17 -24.77 10.34 -8.58
CA LYS G 17 -24.18 10.04 -9.88
C LYS G 17 -24.39 11.21 -10.82
N PRO G 18 -23.28 11.74 -11.37
CA PRO G 18 -23.23 12.89 -12.28
C PRO G 18 -24.30 12.85 -13.38
N MET G 19 -24.73 14.01 -13.84
CA MET G 19 -25.78 14.10 -14.86
C MET G 19 -25.27 13.77 -16.26
N GLY G 20 -24.00 13.37 -16.35
CA GLY G 20 -23.42 13.04 -17.63
C GLY G 20 -22.34 11.97 -17.53
N SER G 21 -21.74 11.64 -18.66
CA SER G 21 -20.67 10.64 -18.70
C SER G 21 -19.36 11.25 -18.20
N PHE G 22 -19.27 11.42 -16.89
CA PHE G 22 -18.07 12.01 -16.29
C PHE G 22 -17.96 11.64 -14.81
N PRO G 23 -16.74 11.64 -14.28
CA PRO G 23 -16.41 11.31 -12.90
C PRO G 23 -16.71 12.48 -11.99
N HIS G 24 -16.70 12.28 -10.68
CA HIS G 24 -16.83 13.40 -9.77
C HIS G 24 -15.51 14.17 -9.75
N VAL G 25 -14.42 13.43 -9.91
CA VAL G 25 -13.10 14.01 -9.81
C VAL G 25 -12.13 13.34 -10.78
N LYS G 26 -11.17 14.12 -11.26
CA LYS G 26 -10.22 13.68 -12.28
C LYS G 26 -8.81 14.14 -11.94
N ARG G 27 -7.87 13.20 -11.88
CA ARG G 27 -6.49 13.58 -11.56
C ARG G 27 -5.74 13.94 -12.83
N ALA G 28 -4.86 14.92 -12.70
CA ALA G 28 -3.98 15.33 -13.79
C ALA G 28 -2.63 15.69 -13.19
N GLY G 29 -1.68 14.76 -13.23
CA GLY G 29 -0.44 14.95 -12.53
C GLY G 29 -0.71 15.15 -11.06
N ASP G 30 -0.28 16.28 -10.51
CA ASP G 30 -0.43 16.54 -9.08
C ASP G 30 -1.76 17.21 -8.76
N PHE G 31 -2.54 17.50 -9.80
CA PHE G 31 -3.78 18.24 -9.65
C PHE G 31 -5.01 17.35 -9.67
N LEU G 32 -6.08 17.85 -9.05
CA LEU G 32 -7.36 17.16 -9.01
C LEU G 32 -8.42 18.14 -9.45
N PHE G 33 -9.23 17.72 -10.41
CA PHE G 33 -10.32 18.56 -10.88
C PHE G 33 -11.65 17.96 -10.47
N VAL G 34 -12.39 18.71 -9.66
CA VAL G 34 -13.66 18.24 -9.14
C VAL G 34 -14.81 18.85 -9.95
N SER G 35 -15.66 17.98 -10.46
CA SER G 35 -16.83 18.40 -11.21
C SER G 35 -17.73 19.32 -10.39
N GLY G 36 -18.47 20.19 -11.09
CA GLY G 36 -19.44 21.05 -10.43
C GLY G 36 -20.34 20.21 -9.54
N THR G 37 -20.46 20.61 -8.27
CA THR G 37 -21.13 19.79 -7.27
C THR G 37 -22.29 20.54 -6.63
N SER G 38 -23.43 19.85 -6.48
CA SER G 38 -24.64 20.46 -5.92
C SER G 38 -25.05 19.76 -4.65
N SER G 39 -26.17 20.18 -4.09
CA SER G 39 -26.70 19.51 -2.90
C SER G 39 -27.59 18.32 -3.25
N ARG G 40 -27.63 17.94 -4.53
N ARG G 40 -27.62 17.93 -4.53
CA ARG G 40 -28.47 16.81 -4.94
CA ARG G 40 -28.44 16.81 -4.96
C ARG G 40 -27.98 15.52 -4.32
C ARG G 40 -27.97 15.50 -4.32
N ARG G 41 -28.92 14.73 -3.80
CA ARG G 41 -28.61 13.43 -3.19
C ARG G 41 -28.56 12.33 -4.25
N PRO G 42 -28.00 11.17 -3.89
CA PRO G 42 -27.95 10.01 -4.79
C PRO G 42 -29.32 9.60 -5.30
N ASP G 43 -30.36 9.74 -4.47
CA ASP G 43 -31.70 9.34 -4.87
C ASP G 43 -32.38 10.44 -5.70
N ASN G 44 -31.59 11.45 -6.06
CA ASN G 44 -32.00 12.53 -6.97
C ASN G 44 -32.91 13.56 -6.31
N THR G 45 -33.15 13.40 -5.02
CA THR G 45 -33.78 14.46 -4.23
C THR G 45 -32.71 15.49 -3.88
N PHE G 46 -33.13 16.59 -3.28
CA PHE G 46 -32.22 17.70 -3.00
C PHE G 46 -32.16 18.04 -1.52
N VAL G 47 -30.95 18.31 -1.04
CA VAL G 47 -30.79 18.87 0.29
C VAL G 47 -31.01 20.37 0.20
N GLY G 48 -31.78 20.91 1.14
CA GLY G 48 -32.00 22.35 1.21
C GLY G 48 -32.95 22.92 0.17
N ALA G 49 -34.00 22.18 -0.17
CA ALA G 49 -35.07 22.73 -1.01
C ALA G 49 -36.40 22.06 -0.67
N GLU G 50 -36.65 21.91 0.62
CA GLU G 50 -37.90 21.31 1.10
C GLU G 50 -39.11 22.09 0.63
N PRO G 51 -40.20 21.38 0.33
CA PRO G 51 -41.48 21.97 -0.10
C PRO G 51 -42.15 22.75 1.01
N ASP G 52 -42.81 23.87 0.68
CA ASP G 52 -43.61 24.58 1.67
C ASP G 52 -45.05 24.03 1.69
N ASP G 53 -45.98 24.87 2.16
CA ASP G 53 -47.38 24.50 2.31
C ASP G 53 -48.00 23.96 1.01
N THR G 54 -47.51 24.45 -0.12
CA THR G 54 -48.11 24.15 -1.42
C THR G 54 -47.29 23.15 -2.21
N GLY G 55 -46.27 22.58 -1.58
CA GLY G 55 -45.42 21.62 -2.25
C GLY G 55 -44.41 22.31 -3.15
N ARG G 56 -44.33 23.63 -3.04
CA ARG G 56 -43.33 24.40 -3.77
C ARG G 56 -41.99 24.33 -3.04
N PRO G 57 -40.96 23.82 -3.72
CA PRO G 57 -39.60 23.80 -3.16
C PRO G 57 -39.21 25.19 -2.67
N ARG G 58 -38.59 25.25 -1.49
CA ARG G 58 -38.07 26.51 -0.97
C ARG G 58 -36.55 26.41 -0.83
N PRO G 59 -35.80 26.77 -1.88
CA PRO G 59 -34.34 26.68 -1.84
C PRO G 59 -33.74 27.47 -0.69
N ASN G 60 -32.75 26.88 -0.03
CA ASN G 60 -32.10 27.50 1.12
C ASN G 60 -30.59 27.54 0.88
N ILE G 61 -30.06 28.74 0.61
CA ILE G 61 -28.65 28.86 0.29
C ILE G 61 -27.73 28.36 1.41
N GLU G 62 -28.05 28.66 2.67
CA GLU G 62 -27.18 28.23 3.75
C GLU G 62 -27.07 26.70 3.80
N LEU G 63 -28.20 26.02 3.77
CA LEU G 63 -28.20 24.55 3.83
C LEU G 63 -27.56 23.94 2.59
N GLN G 64 -27.80 24.53 1.42
CA GLN G 64 -27.24 23.98 0.20
C GLN G 64 -25.73 24.18 0.16
N THR G 65 -25.27 25.34 0.62
CA THR G 65 -23.84 25.61 0.57
C THR G 65 -23.08 24.65 1.48
N ARG G 66 -23.61 24.37 2.67
N ARG G 66 -23.60 24.38 2.67
CA ARG G 66 -22.95 23.47 3.59
CA ARG G 66 -22.94 23.47 3.58
C ARG G 66 -22.90 22.04 3.05
C ARG G 66 -22.87 22.06 2.99
N GLU G 67 -23.96 21.63 2.36
CA GLU G 67 -24.02 20.31 1.75
C GLU G 67 -23.05 20.19 0.57
N VAL G 68 -22.98 21.25 -0.23
CA VAL G 68 -22.08 21.26 -1.38
C VAL G 68 -20.63 21.10 -0.93
N ILE G 69 -20.23 21.88 0.06
CA ILE G 69 -18.85 21.81 0.54
C ILE G 69 -18.57 20.46 1.20
N SER G 70 -19.52 19.95 1.98
CA SER G 70 -19.43 18.58 2.51
C SER G 70 -19.25 17.54 1.41
N ASN G 71 -20.07 17.64 0.36
CA ASN G 71 -20.02 16.68 -0.74
C ASN G 71 -18.67 16.73 -1.46
N ILE G 72 -18.14 17.94 -1.58
CA ILE G 72 -16.84 18.13 -2.20
C ILE G 72 -15.77 17.49 -1.34
N ARG G 73 -15.84 17.67 -0.03
CA ARG G 73 -14.86 17.04 0.85
C ARG G 73 -14.86 15.53 0.68
N ASP G 74 -16.07 14.95 0.65
CA ASP G 74 -16.23 13.52 0.43
C ASP G 74 -15.57 13.04 -0.86
N ILE G 75 -15.81 13.77 -1.95
CA ILE G 75 -15.27 13.41 -3.26
C ILE G 75 -13.75 13.43 -3.22
N LEU G 76 -13.20 14.48 -2.62
CA LEU G 76 -11.76 14.59 -2.50
C LEU G 76 -11.18 13.47 -1.63
N GLN G 77 -11.86 13.11 -0.54
CA GLN G 77 -11.36 12.06 0.33
C GLN G 77 -11.35 10.70 -0.37
N SER G 78 -12.23 10.53 -1.35
CA SER G 78 -12.25 9.27 -2.11
C SER G 78 -10.93 9.10 -2.86
N VAL G 79 -10.26 10.20 -3.15
CA VAL G 79 -8.95 10.11 -3.81
C VAL G 79 -7.82 10.64 -2.93
N GLY G 80 -8.01 10.57 -1.63
CA GLY G 80 -6.92 10.84 -0.70
C GLY G 80 -6.49 12.29 -0.61
N ALA G 81 -7.45 13.19 -0.79
CA ALA G 81 -7.25 14.62 -0.55
C ALA G 81 -8.39 15.14 0.33
N ASP G 82 -8.32 16.41 0.74
CA ASP G 82 -9.46 17.02 1.41
C ASP G 82 -9.52 18.53 1.15
N LEU G 83 -10.30 19.24 1.97
CA LEU G 83 -10.55 20.65 1.73
C LEU G 83 -9.28 21.48 1.85
N GLY G 84 -8.33 20.98 2.62
CA GLY G 84 -7.06 21.66 2.82
C GLY G 84 -6.19 21.68 1.58
N ASP G 85 -6.55 20.87 0.59
CA ASP G 85 -5.77 20.78 -0.64
C ASP G 85 -6.38 21.60 -1.77
N VAL G 86 -7.53 22.21 -1.50
CA VAL G 86 -8.19 23.01 -2.54
C VAL G 86 -7.40 24.29 -2.78
N VAL G 87 -7.21 24.64 -4.06
CA VAL G 87 -6.45 25.84 -4.39
C VAL G 87 -7.26 26.84 -5.25
N GLU G 88 -8.34 26.38 -5.89
CA GLU G 88 -9.24 27.29 -6.58
C GLU G 88 -10.70 26.87 -6.42
N VAL G 89 -11.54 27.83 -6.01
CA VAL G 89 -12.97 27.59 -5.87
C VAL G 89 -13.71 28.47 -6.87
N CYS G 90 -14.60 27.86 -7.66
CA CYS G 90 -15.49 28.64 -8.52
C CYS G 90 -16.91 28.36 -8.09
N SER G 91 -17.59 29.39 -7.61
CA SER G 91 -18.94 29.24 -7.08
C SER G 91 -19.97 29.88 -8.00
N TYR G 92 -21.04 29.14 -8.28
CA TYR G 92 -22.09 29.61 -9.16
C TYR G 92 -23.41 29.73 -8.42
N LEU G 93 -23.81 30.96 -8.11
CA LEU G 93 -25.12 31.24 -7.52
C LEU G 93 -26.15 31.43 -8.65
N VAL G 94 -27.42 31.62 -8.27
CA VAL G 94 -28.44 32.03 -9.25
C VAL G 94 -29.01 33.40 -8.91
N ASN G 95 -28.79 33.87 -7.68
CA ASN G 95 -29.17 35.23 -7.33
C ASN G 95 -28.24 35.80 -6.27
N MET G 96 -27.72 37.00 -6.51
CA MET G 96 -26.72 37.57 -5.60
C MET G 96 -27.27 37.95 -4.23
N ASN G 97 -28.59 37.92 -4.07
CA ASN G 97 -29.17 38.19 -2.76
C ASN G 97 -28.91 37.00 -1.82
N ASP G 98 -28.40 35.91 -2.37
CA ASP G 98 -27.96 34.74 -1.60
C ASP G 98 -26.48 34.85 -1.22
N PHE G 99 -25.81 35.90 -1.70
CA PHE G 99 -24.35 36.00 -1.53
C PHE G 99 -23.92 36.06 -0.06
N ALA G 100 -24.57 36.93 0.72
CA ALA G 100 -24.14 37.16 2.09
C ALA G 100 -24.16 35.84 2.88
N ALA G 101 -25.23 35.07 2.73
CA ALA G 101 -25.38 33.84 3.53
C ALA G 101 -24.44 32.75 3.01
N TYR G 102 -24.24 32.70 1.70
CA TYR G 102 -23.26 31.80 1.11
C TYR G 102 -21.86 32.10 1.65
N ASN G 103 -21.54 33.39 1.72
CA ASN G 103 -20.23 33.82 2.17
C ASN G 103 -19.96 33.43 3.63
N LYS G 104 -20.99 33.53 4.46
CA LYS G 104 -20.88 33.15 5.86
C LYS G 104 -20.52 31.67 6.01
N VAL G 105 -21.20 30.81 5.25
CA VAL G 105 -20.94 29.38 5.31
C VAL G 105 -19.54 29.07 4.81
N TYR G 106 -19.19 29.66 3.67
CA TYR G 106 -17.87 29.45 3.07
C TYR G 106 -16.75 29.68 4.10
N ALA G 107 -16.91 30.72 4.92
CA ALA G 107 -15.88 31.11 5.87
C ALA G 107 -15.71 30.08 7.00
N GLU G 108 -16.66 29.16 7.11
CA GLU G 108 -16.57 28.10 8.10
C GLU G 108 -15.57 27.02 7.69
N PHE G 109 -15.25 26.98 6.40
CA PHE G 109 -14.49 25.86 5.84
C PHE G 109 -13.15 26.29 5.25
N PHE G 110 -13.09 27.54 4.77
CA PHE G 110 -11.85 28.08 4.22
C PHE G 110 -11.52 29.42 4.86
N ASP G 111 -10.24 29.77 4.89
CA ASP G 111 -9.84 31.12 5.29
C ASP G 111 -8.77 31.67 4.35
N ALA G 112 -8.06 32.69 4.80
CA ALA G 112 -7.11 33.41 3.95
C ALA G 112 -5.89 32.57 3.59
N THR G 113 -5.72 31.41 4.23
CA THR G 113 -4.63 30.52 3.88
C THR G 113 -5.11 29.52 2.82
N GLY G 114 -6.39 29.60 2.49
CA GLY G 114 -7.02 28.65 1.59
C GLY G 114 -7.01 29.07 0.13
N PRO G 115 -7.94 28.52 -0.65
CA PRO G 115 -7.93 28.63 -2.11
C PRO G 115 -8.32 30.01 -2.63
N ALA G 116 -7.89 30.31 -3.84
CA ALA G 116 -8.42 31.48 -4.53
C ALA G 116 -9.90 31.23 -4.80
N ARG G 117 -10.69 32.29 -4.92
CA ARG G 117 -12.13 32.09 -5.09
C ARG G 117 -12.76 33.10 -6.06
N THR G 118 -13.73 32.61 -6.83
CA THR G 118 -14.49 33.44 -7.74
C THR G 118 -15.96 33.10 -7.60
N THR G 119 -16.82 34.11 -7.46
CA THR G 119 -18.25 33.87 -7.27
C THR G 119 -19.09 34.72 -8.24
N VAL G 120 -19.92 34.07 -9.05
CA VAL G 120 -20.82 34.76 -9.97
C VAL G 120 -22.21 34.12 -9.88
N ALA G 121 -23.23 34.85 -10.32
CA ALA G 121 -24.55 34.24 -10.46
C ALA G 121 -24.81 33.96 -11.92
N VAL G 122 -25.19 32.73 -12.22
CA VAL G 122 -25.43 32.27 -13.59
C VAL G 122 -26.91 32.43 -13.96
N HIS G 123 -27.23 32.34 -15.24
CA HIS G 123 -28.63 32.41 -15.66
C HIS G 123 -29.41 31.24 -15.07
N GLN G 124 -28.87 30.02 -15.19
CA GLN G 124 -29.51 28.83 -14.64
C GLN G 124 -28.48 27.79 -14.21
N LEU G 125 -28.82 27.04 -13.17
CA LEU G 125 -28.13 25.78 -12.88
C LEU G 125 -28.97 24.63 -13.43
N PRO G 126 -28.41 23.40 -13.48
CA PRO G 126 -29.12 22.31 -14.18
C PRO G 126 -30.46 21.88 -13.57
N HIS G 127 -30.69 22.20 -12.30
CA HIS G 127 -31.96 21.83 -11.64
C HIS G 127 -32.51 23.06 -10.95
N PRO G 128 -33.83 23.26 -11.04
CA PRO G 128 -34.42 24.52 -10.56
C PRO G 128 -34.42 24.67 -9.03
N GLN G 129 -34.20 23.56 -8.33
CA GLN G 129 -34.16 23.59 -6.85
C GLN G 129 -32.85 24.17 -6.31
N LEU G 130 -31.83 24.26 -7.16
CA LEU G 130 -30.48 24.65 -6.75
C LEU G 130 -30.27 26.16 -6.68
N VAL G 131 -29.58 26.61 -5.63
CA VAL G 131 -29.18 28.01 -5.56
C VAL G 131 -27.66 28.14 -5.48
N ILE G 132 -26.96 27.00 -5.57
CA ILE G 132 -25.50 27.03 -5.59
C ILE G 132 -24.91 25.75 -6.17
N GLU G 133 -23.89 25.90 -6.99
CA GLU G 133 -23.06 24.78 -7.39
C GLU G 133 -21.61 25.25 -7.29
N ILE G 134 -20.71 24.37 -6.89
CA ILE G 134 -19.31 24.75 -6.76
C ILE G 134 -18.40 23.74 -7.45
N LYS G 135 -17.45 24.24 -8.24
CA LYS G 135 -16.41 23.36 -8.76
C LYS G 135 -15.06 23.79 -8.17
N VAL G 136 -14.17 22.84 -7.91
CA VAL G 136 -12.87 23.18 -7.35
C VAL G 136 -11.72 22.52 -8.07
N VAL G 137 -10.55 23.13 -7.91
CA VAL G 137 -9.28 22.54 -8.27
C VAL G 137 -8.47 22.34 -7.01
N ALA G 138 -7.89 21.16 -6.85
CA ALA G 138 -7.09 20.86 -5.67
C ALA G 138 -5.68 20.44 -6.08
N TYR G 139 -4.75 20.55 -5.16
CA TYR G 139 -3.36 20.21 -5.44
C TYR G 139 -2.87 19.21 -4.40
N LYS G 140 -2.43 18.06 -4.87
CA LYS G 140 -1.99 16.98 -3.99
C LYS G 140 -1.12 16.00 -4.76
N PRO G 141 0.21 16.20 -4.71
CA PRO G 141 1.17 15.32 -5.39
C PRO G 141 1.01 13.86 -4.98
N LEU G 142 1.40 12.96 -5.88
CA LEU G 142 1.24 11.54 -5.66
C LEU G 142 2.22 11.02 -4.63
N SER H 8 1.62 29.55 0.68
CA SER H 8 1.14 29.40 -0.69
C SER H 8 0.08 30.44 -1.02
N ALA H 9 -0.75 30.78 -0.03
CA ALA H 9 -1.76 31.82 -0.19
C ALA H 9 -1.19 33.17 0.26
N LYS H 10 -1.64 34.26 -0.37
CA LYS H 10 -1.17 35.59 -0.02
C LYS H 10 -2.24 36.67 -0.14
N LEU H 11 -2.42 37.43 0.94
CA LEU H 11 -3.20 38.65 0.91
C LEU H 11 -2.29 39.83 0.53
N VAL H 12 -2.54 40.42 -0.63
CA VAL H 12 -1.71 41.52 -1.11
C VAL H 12 -2.01 42.80 -0.32
N GLU H 13 -0.95 43.56 -0.03
CA GLU H 13 -1.03 44.69 0.90
C GLU H 13 -1.96 45.81 0.43
N GLY H 14 -1.68 46.38 -0.74
CA GLY H 14 -2.42 47.54 -1.22
C GLY H 14 -3.66 47.17 -2.03
N LYS H 15 -4.07 45.90 -1.95
CA LYS H 15 -5.22 45.44 -2.72
C LYS H 15 -6.47 45.36 -1.84
N ALA H 16 -7.63 45.45 -2.48
CA ALA H 16 -8.91 45.44 -1.77
C ALA H 16 -9.11 44.14 -1.00
N LYS H 17 -9.71 44.24 0.19
CA LYS H 17 -9.99 43.07 1.00
C LYS H 17 -10.99 42.16 0.28
N PRO H 18 -10.63 40.88 0.12
CA PRO H 18 -11.52 39.89 -0.51
C PRO H 18 -12.90 39.88 0.15
N MET H 19 -13.94 39.64 -0.65
CA MET H 19 -15.32 39.66 -0.15
C MET H 19 -15.61 38.52 0.84
N GLY H 20 -14.69 37.57 0.91
CA GLY H 20 -14.83 36.44 1.82
C GLY H 20 -13.51 36.01 2.44
N SER H 21 -13.44 34.76 2.88
CA SER H 21 -12.24 34.25 3.53
C SER H 21 -11.32 33.57 2.52
N PHE H 22 -10.60 34.37 1.75
CA PHE H 22 -9.71 33.84 0.72
C PHE H 22 -8.66 34.87 0.32
N PRO H 23 -7.53 34.40 -0.21
CA PRO H 23 -6.44 35.26 -0.68
C PRO H 23 -6.72 35.83 -2.07
N HIS H 24 -5.93 36.81 -2.49
CA HIS H 24 -6.01 37.31 -3.86
C HIS H 24 -5.40 36.28 -4.80
N VAL H 25 -4.38 35.57 -4.34
CA VAL H 25 -3.67 34.60 -5.17
C VAL H 25 -3.20 33.41 -4.34
N LYS H 26 -3.18 32.24 -4.97
CA LYS H 26 -2.82 30.99 -4.30
C LYS H 26 -1.91 30.19 -5.20
N ARG H 27 -0.74 29.81 -4.68
CA ARG H 27 0.17 28.99 -5.45
C ARG H 27 -0.15 27.52 -5.28
N ALA H 28 0.03 26.78 -6.36
CA ALA H 28 -0.10 25.33 -6.33
C ALA H 28 0.94 24.78 -7.29
N GLY H 29 1.99 24.19 -6.74
CA GLY H 29 3.09 23.73 -7.57
C GLY H 29 3.68 24.90 -8.32
N ASP H 30 3.70 24.80 -9.65
CA ASP H 30 4.27 25.84 -10.48
C ASP H 30 3.25 26.91 -10.87
N PHE H 31 2.01 26.69 -10.47
CA PHE H 31 0.90 27.55 -10.91
C PHE H 31 0.46 28.55 -9.86
N LEU H 32 -0.14 29.62 -10.36
CA LEU H 32 -0.72 30.66 -9.54
C LEU H 32 -2.18 30.85 -9.93
N PHE H 33 -3.07 30.71 -8.96
CA PHE H 33 -4.48 30.94 -9.20
C PHE H 33 -4.88 32.26 -8.56
N VAL H 34 -5.35 33.20 -9.39
CA VAL H 34 -5.78 34.51 -8.94
C VAL H 34 -7.30 34.57 -8.82
N SER H 35 -7.79 34.94 -7.64
CA SER H 35 -9.22 35.06 -7.41
C SER H 35 -9.83 36.06 -8.37
N GLY H 36 -11.12 35.88 -8.67
CA GLY H 36 -11.88 36.84 -9.45
C GLY H 36 -11.67 38.25 -8.95
N THR H 37 -11.31 39.14 -9.86
CA THR H 37 -10.87 40.47 -9.51
C THR H 37 -11.71 41.54 -10.19
N SER H 38 -12.17 42.50 -9.39
CA SER H 38 -13.01 43.61 -9.87
C SER H 38 -12.25 44.94 -9.82
N SER H 39 -12.97 46.02 -10.12
CA SER H 39 -12.40 47.37 -10.04
C SER H 39 -12.58 47.99 -8.65
N ARG H 40 -13.06 47.21 -7.69
N ARG H 40 -13.04 47.20 -7.70
CA ARG H 40 -13.28 47.71 -6.34
CA ARG H 40 -13.24 47.66 -6.32
C ARG H 40 -11.95 48.05 -5.65
C ARG H 40 -11.93 48.03 -5.63
N ARG H 41 -11.90 49.24 -5.06
CA ARG H 41 -10.71 49.71 -4.34
C ARG H 41 -10.65 49.12 -2.94
N PRO H 42 -9.49 49.22 -2.28
CA PRO H 42 -9.31 48.74 -0.91
C PRO H 42 -10.26 49.38 0.10
N ASP H 43 -10.73 50.59 -0.15
CA ASP H 43 -11.66 51.24 0.76
C ASP H 43 -13.10 50.92 0.38
N ASN H 44 -13.25 49.93 -0.49
CA ASN H 44 -14.56 49.41 -0.90
C ASN H 44 -15.37 50.34 -1.80
N THR H 45 -14.79 51.47 -2.19
CA THR H 45 -15.35 52.24 -3.30
C THR H 45 -15.02 51.50 -4.60
N PHE H 46 -15.59 51.96 -5.71
CA PHE H 46 -15.37 51.30 -7.00
C PHE H 46 -14.73 52.24 -8.01
N VAL H 47 -13.83 51.71 -8.83
CA VAL H 47 -13.34 52.45 -10.01
C VAL H 47 -14.30 52.26 -11.17
N GLY H 48 -14.67 53.34 -11.85
CA GLY H 48 -15.41 53.20 -13.08
C GLY H 48 -16.90 52.94 -12.95
N ALA H 49 -17.53 53.53 -11.94
CA ALA H 49 -18.98 53.57 -11.85
C ALA H 49 -19.38 54.91 -11.25
N GLU H 50 -18.75 55.99 -11.70
CA GLU H 50 -19.04 57.31 -11.14
C GLU H 50 -20.49 57.71 -11.35
N PRO H 51 -21.08 58.38 -10.35
CA PRO H 51 -22.44 58.89 -10.49
C PRO H 51 -22.56 59.89 -11.63
N ASP H 52 -23.65 59.83 -12.39
CA ASP H 52 -23.88 60.80 -13.45
C ASP H 52 -24.54 62.07 -12.88
N ASP H 53 -25.02 62.94 -13.77
CA ASP H 53 -25.58 64.21 -13.37
C ASP H 53 -26.78 64.12 -12.42
N THR H 54 -27.42 62.95 -12.35
CA THR H 54 -28.55 62.74 -11.44
C THR H 54 -28.14 61.97 -10.19
N GLY H 55 -26.88 61.54 -10.13
CA GLY H 55 -26.38 60.79 -9.00
C GLY H 55 -26.45 59.29 -9.15
N ARG H 56 -26.92 58.83 -10.31
CA ARG H 56 -27.01 57.39 -10.56
C ARG H 56 -25.67 56.87 -11.05
N PRO H 57 -25.13 55.83 -10.39
CA PRO H 57 -23.85 55.25 -10.83
C PRO H 57 -23.89 54.89 -12.32
N ARG H 58 -22.81 55.18 -13.03
CA ARG H 58 -22.73 54.88 -14.46
C ARG H 58 -21.56 53.92 -14.73
N PRO H 59 -21.82 52.60 -14.64
CA PRO H 59 -20.72 51.64 -14.87
C PRO H 59 -20.12 51.81 -16.26
N ASN H 60 -18.81 51.66 -16.32
CA ASN H 60 -18.03 51.94 -17.53
C ASN H 60 -17.08 50.79 -17.77
N ILE H 61 -17.30 50.02 -18.83
CA ILE H 61 -16.52 48.81 -19.05
C ILE H 61 -15.06 49.10 -19.36
N GLU H 62 -14.77 50.17 -20.12
CA GLU H 62 -13.37 50.48 -20.40
C GLU H 62 -12.63 50.79 -19.11
N LEU H 63 -13.18 51.70 -18.31
CA LEU H 63 -12.52 52.08 -17.08
C LEU H 63 -12.34 50.88 -16.14
N GLN H 64 -13.36 50.04 -16.04
CA GLN H 64 -13.29 48.89 -15.13
C GLN H 64 -12.33 47.83 -15.63
N THR H 65 -12.33 47.58 -16.94
CA THR H 65 -11.47 46.52 -17.48
C THR H 65 -10.01 46.88 -17.23
N ARG H 66 -9.69 48.15 -17.46
CA ARG H 66 -8.33 48.63 -17.23
C ARG H 66 -7.91 48.44 -15.77
N GLU H 67 -8.79 48.78 -14.83
CA GLU H 67 -8.46 48.68 -13.40
C GLU H 67 -8.35 47.22 -12.96
N VAL H 68 -9.27 46.38 -13.44
CA VAL H 68 -9.19 44.95 -13.19
C VAL H 68 -7.83 44.38 -13.64
N ILE H 69 -7.42 44.69 -14.87
CA ILE H 69 -6.18 44.11 -15.38
C ILE H 69 -4.98 44.70 -14.64
N SER H 70 -5.07 45.98 -14.31
CA SER H 70 -4.06 46.61 -13.46
C SER H 70 -3.96 45.92 -12.10
N ASN H 71 -5.12 45.66 -11.50
CA ASN H 71 -5.17 44.99 -10.20
C ASN H 71 -4.55 43.60 -10.26
N ILE H 72 -4.86 42.86 -11.31
CA ILE H 72 -4.30 41.53 -11.48
C ILE H 72 -2.77 41.58 -11.63
N ARG H 73 -2.28 42.56 -12.37
CA ARG H 73 -0.85 42.77 -12.46
C ARG H 73 -0.23 42.97 -11.08
N ASP H 74 -0.85 43.82 -10.26
CA ASP H 74 -0.29 44.10 -8.93
C ASP H 74 -0.24 42.85 -8.07
N ILE H 75 -1.29 42.05 -8.16
CA ILE H 75 -1.36 40.80 -7.40
C ILE H 75 -0.25 39.85 -7.84
N LEU H 76 -0.08 39.71 -9.15
CA LEU H 76 0.98 38.84 -9.67
C LEU H 76 2.36 39.36 -9.29
N GLN H 77 2.53 40.67 -9.33
CA GLN H 77 3.85 41.23 -9.01
C GLN H 77 4.21 41.02 -7.55
N SER H 78 3.21 40.87 -6.69
CA SER H 78 3.46 40.66 -5.27
C SER H 78 4.03 39.27 -5.01
N VAL H 79 3.90 38.38 -5.97
CA VAL H 79 4.47 37.03 -5.83
C VAL H 79 5.51 36.75 -6.91
N GLY H 80 6.09 37.80 -7.47
CA GLY H 80 7.21 37.66 -8.38
C GLY H 80 6.85 37.24 -9.79
N ALA H 81 5.59 37.45 -10.16
CA ALA H 81 5.13 37.13 -11.50
C ALA H 81 4.66 38.40 -12.21
N ASP H 82 4.25 38.28 -13.46
CA ASP H 82 3.68 39.41 -14.18
C ASP H 82 2.68 38.89 -15.20
N LEU H 83 2.12 39.79 -16.01
CA LEU H 83 1.07 39.41 -16.95
C LEU H 83 1.58 38.47 -18.04
N GLY H 84 2.90 38.48 -18.24
CA GLY H 84 3.52 37.60 -19.21
C GLY H 84 3.44 36.14 -18.80
N ASP H 85 3.14 35.92 -17.52
CA ASP H 85 3.08 34.56 -16.98
C ASP H 85 1.66 34.03 -16.97
N VAL H 86 0.71 34.87 -17.35
CA VAL H 86 -0.70 34.46 -17.37
C VAL H 86 -0.90 33.46 -18.50
N VAL H 87 -1.68 32.41 -18.26
CA VAL H 87 -1.84 31.36 -19.27
C VAL H 87 -3.32 31.03 -19.52
N GLU H 88 -4.20 31.39 -18.58
CA GLU H 88 -5.63 31.29 -18.84
C GLU H 88 -6.38 32.47 -18.27
N VAL H 89 -7.22 33.08 -19.11
CA VAL H 89 -8.08 34.18 -18.66
C VAL H 89 -9.55 33.81 -18.79
N CYS H 90 -10.30 34.01 -17.71
CA CYS H 90 -11.75 33.85 -17.75
C CYS H 90 -12.39 35.19 -17.40
N SER H 91 -13.09 35.78 -18.36
CA SER H 91 -13.70 37.09 -18.16
C SER H 91 -15.21 36.98 -18.00
N TYR H 92 -15.74 37.64 -16.98
CA TYR H 92 -17.17 37.60 -16.72
C TYR H 92 -17.76 39.00 -16.86
N LEU H 93 -18.44 39.23 -17.99
CA LEU H 93 -19.20 40.45 -18.22
C LEU H 93 -20.60 40.30 -17.61
N VAL H 94 -21.38 41.39 -17.60
CA VAL H 94 -22.80 41.26 -17.30
C VAL H 94 -23.66 41.62 -18.54
N ASN H 95 -23.03 42.23 -19.53
CA ASN H 95 -23.76 42.71 -20.71
C ASN H 95 -22.86 42.55 -21.94
N MET H 96 -23.24 41.66 -22.85
CA MET H 96 -22.38 41.40 -24.01
C MET H 96 -22.24 42.62 -24.90
N ASN H 97 -23.08 43.63 -24.72
CA ASN H 97 -22.91 44.86 -25.49
C ASN H 97 -21.64 45.60 -25.05
N ASP H 98 -21.10 45.22 -23.90
CA ASP H 98 -19.82 45.74 -23.43
C ASP H 98 -18.61 45.03 -24.06
N PHE H 99 -18.87 44.02 -24.90
CA PHE H 99 -17.77 43.16 -25.39
C PHE H 99 -16.70 43.90 -26.20
N ALA H 100 -17.11 44.71 -27.18
CA ALA H 100 -16.13 45.38 -28.04
C ALA H 100 -15.17 46.24 -27.24
N ALA H 101 -15.71 47.03 -26.32
CA ALA H 101 -14.90 47.92 -25.50
C ALA H 101 -13.97 47.15 -24.56
N TYR H 102 -14.49 46.08 -23.96
CA TYR H 102 -13.67 45.23 -23.10
C TYR H 102 -12.54 44.61 -23.90
N ASN H 103 -12.87 44.16 -25.11
CA ASN H 103 -11.90 43.52 -25.98
C ASN H 103 -10.76 44.46 -26.34
N LYS H 104 -11.10 45.72 -26.59
CA LYS H 104 -10.13 46.73 -26.98
C LYS H 104 -9.12 46.97 -25.86
N VAL H 105 -9.59 47.01 -24.61
CA VAL H 105 -8.70 47.20 -23.48
C VAL H 105 -7.85 45.96 -23.25
N TYR H 106 -8.46 44.78 -23.39
CA TYR H 106 -7.74 43.52 -23.25
C TYR H 106 -6.51 43.50 -24.16
N ALA H 107 -6.69 43.93 -25.39
CA ALA H 107 -5.63 43.89 -26.39
C ALA H 107 -4.46 44.81 -26.06
N GLU H 108 -4.64 45.69 -25.08
CA GLU H 108 -3.55 46.57 -24.65
C GLU H 108 -2.56 45.85 -23.72
N PHE H 109 -3.01 44.76 -23.13
CA PHE H 109 -2.23 44.05 -22.12
C PHE H 109 -1.82 42.64 -22.53
N PHE H 110 -2.53 42.07 -23.49
CA PHE H 110 -2.27 40.70 -23.92
C PHE H 110 -2.34 40.62 -25.44
N ASP H 111 -1.70 39.61 -26.02
CA ASP H 111 -1.83 39.34 -27.45
C ASP H 111 -1.94 37.84 -27.71
N ALA H 112 -1.89 37.48 -28.99
CA ALA H 112 -2.10 36.09 -29.41
C ALA H 112 -1.03 35.14 -28.90
N THR H 113 0.09 35.67 -28.41
CA THR H 113 1.14 34.83 -27.86
C THR H 113 0.91 34.57 -26.38
N GLY H 114 -0.12 35.19 -25.83
CA GLY H 114 -0.41 35.09 -24.41
C GLY H 114 -1.40 34.00 -24.08
N PRO H 115 -2.22 34.23 -23.04
CA PRO H 115 -3.09 33.22 -22.44
C PRO H 115 -4.33 32.88 -23.25
N ALA H 116 -4.80 31.64 -23.08
CA ALA H 116 -6.14 31.25 -23.50
C ALA H 116 -7.18 32.16 -22.87
N ARG H 117 -8.25 32.45 -23.59
CA ARG H 117 -9.28 33.34 -23.05
C ARG H 117 -10.69 32.81 -23.29
N THR H 118 -11.53 32.99 -22.29
CA THR H 118 -12.95 32.66 -22.37
C THR H 118 -13.74 33.82 -21.79
N THR H 119 -14.73 34.29 -22.54
CA THR H 119 -15.53 35.44 -22.13
C THR H 119 -17.03 35.12 -22.19
N VAL H 120 -17.72 35.29 -21.07
CA VAL H 120 -19.16 35.10 -21.02
C VAL H 120 -19.80 36.25 -20.27
N ALA H 121 -21.11 36.45 -20.45
CA ALA H 121 -21.82 37.35 -19.56
C ALA H 121 -22.61 36.53 -18.56
N VAL H 122 -22.46 36.85 -17.28
CA VAL H 122 -23.18 36.17 -16.23
C VAL H 122 -24.43 36.96 -15.85
N HIS H 123 -25.31 36.34 -15.07
CA HIS H 123 -26.55 37.01 -14.65
C HIS H 123 -26.24 38.18 -13.70
N GLN H 124 -25.35 37.94 -12.74
CA GLN H 124 -24.88 39.00 -11.83
C GLN H 124 -23.45 38.77 -11.35
N LEU H 125 -22.75 39.88 -11.14
CA LEU H 125 -21.51 39.90 -10.36
C LEU H 125 -21.84 40.31 -8.91
N PRO H 126 -20.87 40.19 -7.99
CA PRO H 126 -21.22 40.38 -6.56
C PRO H 126 -21.68 41.79 -6.17
N HIS H 127 -21.40 42.80 -6.99
CA HIS H 127 -21.87 44.15 -6.69
C HIS H 127 -22.49 44.75 -7.93
N PRO H 128 -23.56 45.55 -7.77
CA PRO H 128 -24.33 46.01 -8.93
C PRO H 128 -23.58 47.03 -9.80
N GLN H 129 -22.55 47.66 -9.25
CA GLN H 129 -21.73 48.63 -9.98
C GLN H 129 -20.80 47.96 -10.99
N LEU H 130 -20.58 46.66 -10.84
CA LEU H 130 -19.57 45.98 -11.64
C LEU H 130 -20.09 45.61 -13.03
N VAL H 131 -19.26 45.77 -14.06
CA VAL H 131 -19.58 45.24 -15.39
C VAL H 131 -18.54 44.22 -15.89
N ILE H 132 -17.50 43.97 -15.08
CA ILE H 132 -16.50 42.97 -15.43
C ILE H 132 -15.76 42.45 -14.20
N GLU H 133 -15.47 41.16 -14.20
CA GLU H 133 -14.58 40.56 -13.23
C GLU H 133 -13.75 39.55 -14.02
N ILE H 134 -12.46 39.42 -13.66
CA ILE H 134 -11.58 38.51 -14.38
C ILE H 134 -10.84 37.63 -13.40
N LYS H 135 -10.83 36.34 -13.71
CA LYS H 135 -10.07 35.34 -12.97
C LYS H 135 -8.97 34.81 -13.87
N VAL H 136 -7.78 34.63 -13.35
CA VAL H 136 -6.69 34.13 -14.20
C VAL H 136 -5.94 33.02 -13.54
N VAL H 137 -5.26 32.24 -14.38
CA VAL H 137 -4.26 31.27 -13.96
C VAL H 137 -2.92 31.69 -14.56
N ALA H 138 -1.88 31.77 -13.73
CA ALA H 138 -0.55 32.07 -14.23
C ALA H 138 0.37 30.89 -13.98
N TYR H 139 1.44 30.82 -14.76
CA TYR H 139 2.42 29.76 -14.64
C TYR H 139 3.76 30.39 -14.31
N LYS H 140 4.38 29.96 -13.20
CA LYS H 140 5.64 30.55 -12.75
C LYS H 140 6.34 29.63 -11.74
N PRO H 141 7.20 28.73 -12.23
CA PRO H 141 8.01 27.86 -11.36
C PRO H 141 8.83 28.67 -10.38
N LEU H 142 9.01 28.16 -9.17
CA LEU H 142 9.80 28.86 -8.16
C LEU H 142 11.30 28.72 -8.45
N ASN I 7 6.94 29.22 -28.19
CA ASN I 7 5.95 28.51 -28.99
C ASN I 7 4.87 27.84 -28.15
N SER I 8 4.50 28.47 -27.04
CA SER I 8 3.53 27.88 -26.11
C SER I 8 2.09 28.15 -26.52
N ALA I 9 1.88 29.25 -27.24
CA ALA I 9 0.54 29.61 -27.72
C ALA I 9 0.41 29.29 -29.20
N LYS I 10 -0.71 28.68 -29.58
CA LYS I 10 -0.91 28.25 -30.97
C LYS I 10 -2.21 28.76 -31.56
N LEU I 11 -2.10 29.25 -32.80
CA LEU I 11 -3.25 29.63 -33.60
C LEU I 11 -3.48 28.54 -34.64
N VAL I 12 -4.55 27.77 -34.47
CA VAL I 12 -4.78 26.59 -35.30
C VAL I 12 -5.27 26.98 -36.71
N GLU I 13 -4.66 26.34 -37.71
CA GLU I 13 -4.83 26.74 -39.10
C GLU I 13 -6.28 26.70 -39.61
N GLY I 14 -6.93 25.56 -39.47
CA GLY I 14 -8.25 25.37 -40.07
C GLY I 14 -9.44 25.84 -39.23
N LYS I 15 -9.16 26.58 -38.16
CA LYS I 15 -10.22 27.00 -37.24
C LYS I 15 -10.57 28.47 -37.40
N ALA I 16 -11.76 28.84 -36.94
CA ALA I 16 -12.21 30.21 -36.95
C ALA I 16 -11.29 31.11 -36.12
N LYS I 17 -11.05 32.32 -36.60
CA LYS I 17 -10.18 33.27 -35.92
C LYS I 17 -10.77 33.70 -34.58
N PRO I 18 -9.95 33.64 -33.51
CA PRO I 18 -10.40 34.07 -32.17
C PRO I 18 -10.97 35.50 -32.16
N MET I 19 -11.92 35.72 -31.24
CA MET I 19 -12.64 36.99 -31.18
C MET I 19 -11.83 38.10 -30.51
N GLY I 20 -10.63 37.77 -30.07
CA GLY I 20 -9.75 38.75 -29.47
C GLY I 20 -8.30 38.37 -29.73
N SER I 21 -7.38 39.03 -29.03
CA SER I 21 -5.97 38.69 -29.19
C SER I 21 -5.60 37.57 -28.22
N PHE I 22 -5.93 36.35 -28.59
CA PHE I 22 -5.57 35.17 -27.81
C PHE I 22 -5.48 33.94 -28.73
N PRO I 23 -4.72 32.92 -28.30
CA PRO I 23 -4.55 31.68 -29.06
C PRO I 23 -5.72 30.73 -28.82
N HIS I 24 -5.86 29.71 -29.67
CA HIS I 24 -6.86 28.67 -29.45
C HIS I 24 -6.47 27.83 -28.25
N VAL I 25 -5.17 27.62 -28.10
CA VAL I 25 -4.64 26.79 -27.02
C VAL I 25 -3.31 27.35 -26.55
N LYS I 26 -3.08 27.26 -25.24
CA LYS I 26 -1.87 27.77 -24.61
C LYS I 26 -1.29 26.69 -23.70
N ARG I 27 -0.01 26.35 -23.88
CA ARG I 27 0.64 25.36 -23.04
C ARG I 27 1.27 26.02 -21.82
N ALA I 28 1.11 25.38 -20.66
CA ALA I 28 1.78 25.82 -19.45
C ALA I 28 2.30 24.60 -18.70
N GLY I 29 3.60 24.34 -18.82
CA GLY I 29 4.18 23.14 -18.25
C GLY I 29 3.59 21.91 -18.92
N ASP I 30 2.97 21.04 -18.12
CA ASP I 30 2.40 19.81 -18.66
C ASP I 30 0.94 20.00 -19.09
N PHE I 31 0.41 21.21 -18.92
CA PHE I 31 -1.01 21.45 -19.17
C PHE I 31 -1.28 22.21 -20.45
N LEU I 32 -2.47 21.97 -21.00
CA LEU I 32 -2.98 22.72 -22.14
C LEU I 32 -4.28 23.43 -21.77
N PHE I 33 -4.34 24.74 -21.96
CA PHE I 33 -5.58 25.47 -21.76
C PHE I 33 -6.17 25.85 -23.10
N VAL I 34 -7.38 25.36 -23.37
CA VAL I 34 -8.04 25.62 -24.65
C VAL I 34 -9.10 26.71 -24.46
N SER I 35 -8.97 27.79 -25.23
CA SER I 35 -9.92 28.90 -25.12
C SER I 35 -11.34 28.44 -25.37
N GLY I 36 -12.32 29.14 -24.79
CA GLY I 36 -13.72 28.81 -25.02
C GLY I 36 -13.97 28.67 -26.51
N THR I 37 -14.64 27.60 -26.91
CA THR I 37 -14.78 27.23 -28.31
C THR I 37 -16.25 27.07 -28.66
N SER I 38 -16.63 27.64 -29.81
CA SER I 38 -18.01 27.59 -30.27
C SER I 38 -18.09 26.88 -31.59
N SER I 39 -19.29 26.86 -32.16
CA SER I 39 -19.54 26.17 -33.41
C SER I 39 -19.22 27.06 -34.60
N ARG I 40 -18.65 28.23 -34.34
CA ARG I 40 -18.40 29.19 -35.41
C ARG I 40 -17.38 28.65 -36.42
N ARG I 41 -17.67 28.82 -37.70
CA ARG I 41 -16.75 28.42 -38.77
C ARG I 41 -15.86 29.58 -39.18
N PRO I 42 -14.74 29.27 -39.87
CA PRO I 42 -13.80 30.25 -40.40
C PRO I 42 -14.46 31.36 -41.24
N ASP I 43 -15.60 31.06 -41.84
CA ASP I 43 -16.34 32.07 -42.60
C ASP I 43 -17.30 32.86 -41.70
N ASN I 44 -17.12 32.71 -40.39
CA ASN I 44 -17.90 33.42 -39.38
C ASN I 44 -19.36 32.95 -39.28
N THR I 45 -19.79 32.09 -40.20
CA THR I 45 -21.09 31.47 -40.08
C THR I 45 -21.05 30.41 -38.98
N PHE I 46 -22.21 29.95 -38.53
CA PHE I 46 -22.26 29.05 -37.40
C PHE I 46 -22.88 27.71 -37.74
N VAL I 47 -22.13 26.62 -37.54
CA VAL I 47 -22.73 25.30 -37.59
C VAL I 47 -23.82 25.23 -36.52
N GLY I 48 -25.00 24.73 -36.91
CA GLY I 48 -26.11 24.58 -35.99
C GLY I 48 -26.89 25.84 -35.68
N ALA I 49 -26.89 26.81 -36.59
CA ALA I 49 -27.73 28.00 -36.42
C ALA I 49 -28.32 28.49 -37.73
N GLU I 50 -28.74 27.55 -38.57
CA GLU I 50 -29.26 27.86 -39.90
C GLU I 50 -30.49 28.75 -39.85
N PRO I 51 -30.53 29.77 -40.72
CA PRO I 51 -31.68 30.69 -40.83
C PRO I 51 -32.94 29.95 -41.25
N ASP I 52 -34.08 30.29 -40.64
CA ASP I 52 -35.35 29.66 -41.01
C ASP I 52 -36.01 30.39 -42.15
N ASP I 53 -37.32 30.16 -42.31
CA ASP I 53 -38.11 30.74 -43.41
C ASP I 53 -37.99 32.26 -43.53
N THR I 54 -37.74 32.92 -42.40
CA THR I 54 -37.73 34.38 -42.37
C THR I 54 -36.33 34.98 -42.24
N GLY I 55 -35.32 34.11 -42.20
CA GLY I 55 -33.94 34.56 -42.09
C GLY I 55 -33.45 34.53 -40.66
N ARG I 56 -34.33 34.16 -39.76
CA ARG I 56 -34.02 34.10 -38.34
C ARG I 56 -33.25 32.83 -38.01
N PRO I 57 -32.06 32.98 -37.41
CA PRO I 57 -31.27 31.80 -37.04
C PRO I 57 -32.05 30.86 -36.13
N ARG I 58 -31.90 29.56 -36.33
CA ARG I 58 -32.58 28.57 -35.50
C ARG I 58 -31.52 27.71 -34.79
N PRO I 59 -31.11 28.12 -33.59
CA PRO I 59 -30.02 27.40 -32.95
C PRO I 59 -30.40 25.95 -32.66
N ASN I 60 -29.46 25.05 -32.87
CA ASN I 60 -29.66 23.63 -32.65
C ASN I 60 -28.57 23.13 -31.71
N ILE I 61 -28.91 22.85 -30.45
CA ILE I 61 -27.90 22.49 -29.47
C ILE I 61 -27.17 21.19 -29.84
N GLU I 62 -27.89 20.25 -30.44
CA GLU I 62 -27.25 18.99 -30.83
C GLU I 62 -26.12 19.25 -31.83
N LEU I 63 -26.44 19.95 -32.92
CA LEU I 63 -25.44 20.21 -33.96
C LEU I 63 -24.29 21.09 -33.45
N GLN I 64 -24.61 22.11 -32.66
CA GLN I 64 -23.56 22.99 -32.12
C GLN I 64 -22.62 22.26 -31.19
N THR I 65 -23.17 21.44 -30.28
CA THR I 65 -22.35 20.74 -29.30
C THR I 65 -21.40 19.77 -30.00
N ARG I 66 -21.91 19.08 -31.01
CA ARG I 66 -21.08 18.14 -31.76
C ARG I 66 -19.94 18.89 -32.48
N GLU I 67 -20.24 20.05 -33.04
CA GLU I 67 -19.23 20.84 -33.72
C GLU I 67 -18.22 21.41 -32.75
N VAL I 68 -18.69 21.87 -31.58
CA VAL I 68 -17.78 22.41 -30.57
C VAL I 68 -16.76 21.36 -30.12
N ILE I 69 -17.24 20.17 -29.77
CA ILE I 69 -16.31 19.17 -29.27
C ILE I 69 -15.39 18.70 -30.40
N SER I 70 -15.92 18.62 -31.63
CA SER I 70 -15.09 18.29 -32.78
C SER I 70 -13.99 19.33 -33.01
N ASN I 71 -14.34 20.61 -32.83
CA ASN I 71 -13.35 21.68 -32.94
C ASN I 71 -12.27 21.60 -31.87
N ILE I 72 -12.68 21.30 -30.64
CA ILE I 72 -11.73 21.16 -29.53
C ILE I 72 -10.81 20.00 -29.80
N ARG I 73 -11.39 18.93 -30.32
N ARG I 73 -11.37 18.91 -30.31
CA ARG I 73 -10.60 17.76 -30.67
CA ARG I 73 -10.57 17.76 -30.67
C ARG I 73 -9.53 18.12 -31.70
C ARG I 73 -9.52 18.11 -31.71
N ASP I 74 -9.95 18.83 -32.74
CA ASP I 74 -9.05 19.26 -33.80
C ASP I 74 -7.91 20.09 -33.24
N ILE I 75 -8.26 21.02 -32.34
CA ILE I 75 -7.27 21.92 -31.76
C ILE I 75 -6.23 21.14 -30.94
N LEU I 76 -6.69 20.23 -30.09
CA LEU I 76 -5.77 19.41 -29.30
C LEU I 76 -4.91 18.51 -30.20
N GLN I 77 -5.52 17.89 -31.19
CA GLN I 77 -4.76 16.99 -32.04
C GLN I 77 -3.70 17.77 -32.84
N SER I 78 -3.91 19.07 -33.02
CA SER I 78 -2.95 19.89 -33.75
C SER I 78 -1.69 20.16 -32.94
N VAL I 79 -1.78 20.05 -31.62
CA VAL I 79 -0.61 20.22 -30.77
C VAL I 79 -0.22 18.92 -30.08
N GLY I 80 -0.47 17.79 -30.75
CA GLY I 80 -0.01 16.50 -30.26
C GLY I 80 -0.82 15.89 -29.13
N ALA I 81 -1.98 16.47 -28.82
CA ALA I 81 -2.85 15.94 -27.76
C ALA I 81 -4.13 15.34 -28.34
N ASP I 82 -5.01 14.84 -27.49
CA ASP I 82 -6.31 14.34 -27.95
C ASP I 82 -7.36 14.44 -26.86
N LEU I 83 -8.59 14.03 -27.18
CA LEU I 83 -9.70 14.16 -26.23
C LEU I 83 -9.48 13.36 -24.94
N GLY I 84 -8.68 12.31 -25.03
CA GLY I 84 -8.41 11.46 -23.87
C GLY I 84 -7.46 12.12 -22.89
N ASP I 85 -6.91 13.25 -23.29
CA ASP I 85 -6.03 14.05 -22.43
C ASP I 85 -6.82 15.13 -21.68
N VAL I 86 -8.06 15.36 -22.08
CA VAL I 86 -8.87 16.40 -21.45
C VAL I 86 -9.15 15.99 -20.00
N VAL I 87 -8.99 16.93 -19.07
CA VAL I 87 -9.22 16.60 -17.66
C VAL I 87 -10.26 17.49 -16.99
N GLU I 88 -10.56 18.63 -17.60
CA GLU I 88 -11.65 19.45 -17.09
C GLU I 88 -12.42 20.11 -18.21
N VAL I 89 -13.74 19.95 -18.17
CA VAL I 89 -14.63 20.55 -19.13
C VAL I 89 -15.55 21.54 -18.42
N CYS I 90 -15.54 22.78 -18.90
CA CYS I 90 -16.53 23.77 -18.47
C CYS I 90 -17.44 24.13 -19.66
N SER I 91 -18.72 23.80 -19.53
CA SER I 91 -19.68 24.05 -20.59
C SER I 91 -20.63 25.18 -20.24
N TYR I 92 -20.79 26.11 -21.18
CA TYR I 92 -21.65 27.25 -20.99
C TYR I 92 -22.81 27.20 -21.98
N LEU I 93 -23.99 26.85 -21.48
CA LEU I 93 -25.24 26.93 -22.23
C LEU I 93 -25.82 28.33 -22.08
N VAL I 94 -26.88 28.64 -22.81
CA VAL I 94 -27.63 29.87 -22.53
C VAL I 94 -29.03 29.56 -22.00
N ASN I 95 -29.49 28.33 -22.20
CA ASN I 95 -30.76 27.89 -21.63
C ASN I 95 -30.76 26.42 -21.27
N MET I 96 -31.21 26.11 -20.06
CA MET I 96 -31.06 24.75 -19.55
C MET I 96 -32.03 23.79 -20.20
N ASN I 97 -32.97 24.30 -20.99
CA ASN I 97 -33.82 23.38 -21.71
C ASN I 97 -33.03 22.74 -22.86
N ASP I 98 -31.82 23.25 -23.10
CA ASP I 98 -30.89 22.63 -24.05
C ASP I 98 -30.01 21.55 -23.42
N PHE I 99 -30.09 21.41 -22.11
CA PHE I 99 -29.20 20.50 -21.38
C PHE I 99 -29.29 19.04 -21.83
N ALA I 100 -30.51 18.51 -21.97
CA ALA I 100 -30.68 17.09 -22.28
C ALA I 100 -30.00 16.69 -23.60
N ALA I 101 -30.18 17.52 -24.63
CA ALA I 101 -29.62 17.22 -25.94
C ALA I 101 -28.11 17.40 -25.94
N TYR I 102 -27.65 18.44 -25.26
CA TYR I 102 -26.21 18.65 -25.07
C TYR I 102 -25.59 17.44 -24.40
N ASN I 103 -26.24 16.94 -23.36
N ASN I 103 -26.22 16.98 -23.32
CA ASN I 103 -25.74 15.81 -22.60
CA ASN I 103 -25.81 15.78 -22.61
C ASN I 103 -25.64 14.52 -23.45
C ASN I 103 -25.59 14.58 -23.51
N LYS I 104 -26.56 14.33 -24.39
CA LYS I 104 -26.51 13.15 -25.26
C LYS I 104 -25.33 13.25 -26.21
N VAL I 105 -25.03 14.45 -26.70
CA VAL I 105 -23.89 14.62 -27.58
C VAL I 105 -22.57 14.48 -26.82
N TYR I 106 -22.51 15.06 -25.62
CA TYR I 106 -21.32 14.96 -24.79
C TYR I 106 -20.90 13.50 -24.63
N ALA I 107 -21.88 12.64 -24.40
CA ALA I 107 -21.62 11.22 -24.15
C ALA I 107 -21.10 10.49 -25.40
N GLU I 108 -21.18 11.12 -26.57
CA GLU I 108 -20.61 10.54 -27.79
C GLU I 108 -19.09 10.61 -27.77
N PHE I 109 -18.55 11.52 -26.96
CA PHE I 109 -17.12 11.84 -26.98
C PHE I 109 -16.37 11.50 -25.71
N PHE I 110 -17.04 11.59 -24.57
CA PHE I 110 -16.41 11.32 -23.27
C PHE I 110 -17.20 10.29 -22.46
N ASP I 111 -16.52 9.64 -21.52
CA ASP I 111 -17.20 8.80 -20.53
C ASP I 111 -16.65 9.05 -19.12
N ALA I 112 -17.04 8.21 -18.17
CA ALA I 112 -16.67 8.42 -16.77
C ALA I 112 -15.17 8.24 -16.52
N THR I 113 -14.44 7.71 -17.50
CA THR I 113 -12.98 7.66 -17.40
C THR I 113 -12.38 8.99 -17.84
N GLY I 114 -13.24 9.88 -18.30
CA GLY I 114 -12.82 11.15 -18.87
C GLY I 114 -12.73 12.30 -17.90
N PRO I 115 -12.85 13.53 -18.41
CA PRO I 115 -12.65 14.74 -17.60
C PRO I 115 -13.78 15.04 -16.62
N ALA I 116 -13.45 15.77 -15.56
CA ALA I 116 -14.45 16.43 -14.73
C ALA I 116 -15.25 17.39 -15.60
N ARG I 117 -16.52 17.60 -15.25
CA ARG I 117 -17.36 18.48 -16.04
C ARG I 117 -18.22 19.37 -15.16
N THR I 118 -18.38 20.62 -15.60
CA THR I 118 -19.30 21.59 -15.00
C THR I 118 -20.13 22.22 -16.13
N THR I 119 -21.44 22.32 -15.93
CA THR I 119 -22.34 22.88 -16.94
C THR I 119 -23.27 23.91 -16.28
N VAL I 120 -23.23 25.15 -16.78
CA VAL I 120 -24.14 26.19 -16.30
C VAL I 120 -24.72 26.94 -17.51
N ALA I 121 -25.84 27.63 -17.32
CA ALA I 121 -26.33 28.52 -18.39
C ALA I 121 -25.95 29.93 -18.03
N VAL I 122 -25.29 30.62 -18.95
CA VAL I 122 -24.86 31.99 -18.71
C VAL I 122 -25.91 32.95 -19.25
N HIS I 123 -25.82 34.23 -18.89
CA HIS I 123 -26.75 35.23 -19.40
C HIS I 123 -26.59 35.41 -20.92
N GLN I 124 -25.34 35.54 -21.40
CA GLN I 124 -25.07 35.63 -22.83
C GLN I 124 -23.74 35.03 -23.22
N LEU I 125 -23.68 34.49 -24.44
CA LEU I 125 -22.39 34.15 -25.06
C LEU I 125 -22.05 35.24 -26.07
N PRO I 126 -20.82 35.23 -26.59
CA PRO I 126 -20.34 36.37 -27.40
C PRO I 126 -21.09 36.57 -28.73
N HIS I 127 -21.82 35.57 -29.20
CA HIS I 127 -22.65 35.73 -30.40
C HIS I 127 -24.05 35.19 -30.09
N PRO I 128 -25.09 35.89 -30.56
CA PRO I 128 -26.47 35.53 -30.17
C PRO I 128 -26.95 34.21 -30.76
N GLN I 129 -26.29 33.73 -31.81
CA GLN I 129 -26.67 32.46 -32.44
C GLN I 129 -26.22 31.24 -31.61
N LEU I 130 -25.32 31.46 -30.65
CA LEU I 130 -24.70 30.36 -29.92
C LEU I 130 -25.61 29.82 -28.83
N VAL I 131 -25.63 28.50 -28.66
CA VAL I 131 -26.32 27.94 -27.51
C VAL I 131 -25.36 27.09 -26.65
N ILE I 132 -24.09 27.04 -27.06
CA ILE I 132 -23.08 26.33 -26.29
C ILE I 132 -21.69 26.86 -26.60
N GLU I 133 -20.88 27.02 -25.56
CA GLU I 133 -19.45 27.26 -25.70
C GLU I 133 -18.75 26.42 -24.63
N ILE I 134 -17.64 25.78 -25.00
CA ILE I 134 -16.93 24.92 -24.05
C ILE I 134 -15.45 25.29 -23.92
N LYS I 135 -14.99 25.35 -22.67
CA LYS I 135 -13.60 25.62 -22.33
C LYS I 135 -13.02 24.32 -21.75
N VAL I 136 -11.80 23.95 -22.13
CA VAL I 136 -11.21 22.75 -21.53
C VAL I 136 -9.79 22.94 -21.07
N VAL I 137 -9.43 22.11 -20.09
CA VAL I 137 -8.06 21.94 -19.67
C VAL I 137 -7.65 20.51 -20.00
N ALA I 138 -6.51 20.34 -20.65
CA ALA I 138 -5.99 19.01 -20.92
C ALA I 138 -4.62 18.82 -20.30
N TYR I 139 -4.27 17.57 -20.02
CA TYR I 139 -2.99 17.23 -19.42
C TYR I 139 -2.18 16.34 -20.35
N LYS I 140 -0.99 16.81 -20.73
CA LYS I 140 -0.14 16.11 -21.70
C LYS I 140 1.31 16.55 -21.59
N PRO I 141 2.05 15.90 -20.67
CA PRO I 141 3.49 16.16 -20.48
C PRO I 141 4.26 16.05 -21.79
N LEU I 142 5.20 16.96 -22.03
CA LEU I 142 5.97 16.97 -23.28
MG MG J . 30.81 -37.86 0.06
MG MG K . -14.61 -25.27 -13.72
#